data_6IXP
#
_entry.id   6IXP
#
_cell.length_a   110.387
_cell.length_b   63.459
_cell.length_c   169.077
_cell.angle_alpha   90.000
_cell.angle_beta   104.720
_cell.angle_gamma   90.000
#
_symmetry.space_group_name_H-M   'C 1 2 1'
#
loop_
_entity.id
_entity.type
_entity.pdbx_description
1 polymer Myosin-2
2 polymer 'Mitochondrial MYO2 receptor-related protein 1'
3 water water
#
loop_
_entity_poly.entity_id
_entity_poly.type
_entity_poly.pdbx_seq_one_letter_code
_entity_poly.pdbx_strand_id
1 'polypeptide(L)'
;GPGSNATQINEELYRLLEDTEILNQEITEGLLKGFEVPDAGVAIQLSKRDVVYPARILIIVLSEMWRFGLTKQSESFLAQ
VLTTIQKVVTQLKGNDLIPSGVFWLANVRELYSFVVFALNSILTEETFKNGMTDEEYKEYVSLVTELKDDFEALSYNIYN
IWLKKLQKQLQKKAINAVVISESLPGFSAGETSGANTEEYTMDDILTFFNSIYWCMKSFHIENEVFHAVVTTLLNYVDAI
CFNELIMKRNFLSWKRGLQLNYNVTRLEEWCKTHGLTDGTECLQHLIQTAKLLQVRKYTIEDIDILRGICYSLTPAQLQK
LISQYQVADYESPIPQEILRYVADIVKKEAALSSSGNDSKGHEHSSSIFITPETGPFTDPFSLIKTRKFDQVEAYIPAWL
SLPSTKRIVDLVAQQVVQDGH
;
A,D
2 'polypeptide(L)' GPGSEFGNSARIPCPKTRLARVSVLDLKKIEEQPDSSSG B,C,E,F
#
# COMPACT_ATOMS: atom_id res chain seq x y z
N ASN A 5 -75.47 18.43 17.14
CA ASN A 5 -75.61 17.45 18.20
C ASN A 5 -74.77 16.20 17.93
N ALA A 6 -74.68 15.33 18.93
CA ALA A 6 -73.80 14.17 18.85
C ALA A 6 -74.38 13.08 17.95
N THR A 7 -75.70 12.92 18.00
CA THR A 7 -76.37 11.85 17.27
C THR A 7 -76.42 12.20 15.78
N GLN A 8 -76.43 13.50 15.49
CA GLN A 8 -76.36 14.00 14.13
C GLN A 8 -75.00 13.62 13.52
N ILE A 9 -73.94 13.97 14.24
CA ILE A 9 -72.58 13.67 13.83
C ILE A 9 -72.39 12.16 13.65
N ASN A 10 -72.90 11.39 14.60
CA ASN A 10 -72.82 9.93 14.50
C ASN A 10 -73.59 9.40 13.29
N GLU A 11 -74.68 10.07 12.97
CA GLU A 11 -75.53 9.69 11.85
C GLU A 11 -74.80 9.89 10.53
N GLU A 12 -74.35 11.12 10.29
CA GLU A 12 -73.60 11.42 9.06
C GLU A 12 -72.33 10.58 8.97
N LEU A 13 -71.68 10.38 10.11
CA LEU A 13 -70.51 9.51 10.18
C LEU A 13 -70.85 8.11 9.69
N TYR A 14 -71.98 7.57 10.15
CA TYR A 14 -72.39 6.23 9.75
C TYR A 14 -72.65 6.19 8.24
N ARG A 15 -73.42 7.16 7.76
CA ARG A 15 -73.75 7.26 6.34
C ARG A 15 -72.50 7.30 5.46
N LEU A 16 -71.50 8.06 5.90
CA LEU A 16 -70.23 8.15 5.19
C LEU A 16 -69.43 6.84 5.25
N LEU A 17 -69.44 6.21 6.42
CA LEU A 17 -68.63 5.01 6.64
C LEU A 17 -69.16 3.78 5.92
N GLU A 18 -70.47 3.66 5.79
CA GLU A 18 -71.02 2.48 5.10
C GLU A 18 -70.89 2.64 3.58
N ASP A 19 -70.72 3.88 3.14
CA ASP A 19 -70.49 4.18 1.73
C ASP A 19 -69.06 3.78 1.33
N THR A 20 -68.86 2.49 1.06
CA THR A 20 -67.53 1.98 0.75
C THR A 20 -67.01 2.37 -0.64
N GLU A 21 -67.91 2.51 -1.60
CA GLU A 21 -67.49 2.71 -3.00
C GLU A 21 -66.82 4.07 -3.23
N ILE A 22 -67.21 5.09 -2.46
CA ILE A 22 -66.56 6.39 -2.55
C ILE A 22 -65.27 6.42 -1.75
N LEU A 23 -65.34 5.85 -0.54
CA LEU A 23 -64.23 5.87 0.40
C LEU A 23 -63.03 5.12 -0.17
N ASN A 24 -63.30 3.98 -0.78
CA ASN A 24 -62.28 3.17 -1.40
C ASN A 24 -61.60 3.89 -2.57
N GLN A 25 -62.40 4.52 -3.42
CA GLN A 25 -61.89 5.29 -4.54
C GLN A 25 -60.97 6.40 -4.04
N GLU A 26 -61.52 7.25 -3.17
CA GLU A 26 -60.76 8.36 -2.57
C GLU A 26 -59.46 7.90 -1.94
N ILE A 27 -59.52 6.85 -1.12
CA ILE A 27 -58.33 6.36 -0.42
C ILE A 27 -57.29 5.79 -1.39
N THR A 28 -57.69 4.82 -2.21
CA THR A 28 -56.74 4.14 -3.10
C THR A 28 -56.21 5.04 -4.22
N GLU A 29 -56.90 6.12 -4.53
CA GLU A 29 -56.46 6.99 -5.63
C GLU A 29 -55.79 8.27 -5.17
N GLY A 30 -56.43 8.98 -4.24
CA GLY A 30 -55.93 10.27 -3.79
C GLY A 30 -54.88 10.18 -2.71
N LEU A 31 -55.01 9.17 -1.85
CA LEU A 31 -54.10 9.03 -0.71
C LEU A 31 -52.96 8.07 -1.00
N LEU A 32 -53.28 6.90 -1.53
CA LEU A 32 -52.29 5.86 -1.74
C LEU A 32 -51.53 6.07 -3.05
N LYS A 33 -52.21 5.88 -4.18
CA LYS A 33 -51.56 6.07 -5.48
C LYS A 33 -51.21 7.53 -5.74
N GLY A 34 -51.99 8.45 -5.18
CA GLY A 34 -51.74 9.87 -5.34
C GLY A 34 -50.93 10.42 -4.18
N PHE A 35 -50.03 9.59 -3.65
CA PHE A 35 -49.17 10.00 -2.55
C PHE A 35 -48.11 10.97 -3.04
N GLU A 36 -47.93 12.07 -2.31
CA GLU A 36 -46.86 13.01 -2.62
C GLU A 36 -45.86 13.09 -1.47
N VAL A 37 -44.72 12.44 -1.67
CA VAL A 37 -43.62 12.52 -0.72
C VAL A 37 -42.98 13.90 -0.82
N PRO A 38 -42.55 14.47 0.31
CA PRO A 38 -41.84 15.75 0.31
C PRO A 38 -40.67 15.77 -0.68
N ASP A 39 -40.84 16.52 -1.77
CA ASP A 39 -39.84 16.60 -2.82
C ASP A 39 -38.73 17.58 -2.46
N ALA A 40 -38.77 18.07 -1.21
CA ALA A 40 -37.76 18.99 -0.72
C ALA A 40 -36.36 18.37 -0.75
N GLY A 41 -36.27 17.09 -0.42
CA GLY A 41 -34.99 16.40 -0.38
C GLY A 41 -34.87 15.50 0.84
N VAL A 42 -34.00 14.49 0.74
CA VAL A 42 -33.86 13.47 1.77
C VAL A 42 -33.19 13.99 3.05
N ALA A 43 -32.26 14.93 2.89
CA ALA A 43 -31.49 15.47 4.01
C ALA A 43 -32.32 16.34 4.93
N ILE A 44 -33.52 16.71 4.49
CA ILE A 44 -34.35 17.67 5.21
C ILE A 44 -35.29 17.02 6.21
N GLN A 45 -35.08 17.32 7.49
CA GLN A 45 -35.85 16.73 8.57
C GLN A 45 -37.32 17.12 8.53
N LEU A 46 -38.18 16.19 8.93
CA LEU A 46 -39.63 16.44 8.98
C LEU A 46 -40.19 16.07 10.34
N SER A 47 -41.39 16.56 10.63
CA SER A 47 -42.16 16.04 11.74
C SER A 47 -42.83 14.76 11.29
N LYS A 48 -43.05 13.83 12.22
CA LYS A 48 -43.72 12.56 11.91
C LYS A 48 -45.06 12.81 11.21
N ARG A 49 -45.70 13.91 11.59
CA ARG A 49 -46.98 14.32 11.04
C ARG A 49 -47.00 14.34 9.51
N ASP A 50 -45.94 14.88 8.92
CA ASP A 50 -45.85 15.01 7.47
C ASP A 50 -45.29 13.76 6.80
N VAL A 51 -44.86 12.79 7.61
CA VAL A 51 -44.37 11.52 7.09
C VAL A 51 -45.47 10.45 7.08
N VAL A 52 -46.17 10.28 8.21
CA VAL A 52 -47.14 9.20 8.31
C VAL A 52 -48.59 9.67 8.30
N TYR A 53 -48.87 10.77 7.60
CA TYR A 53 -50.24 11.25 7.50
C TYR A 53 -51.22 10.25 6.83
N PRO A 54 -50.78 9.50 5.79
CA PRO A 54 -51.77 8.58 5.21
C PRO A 54 -52.19 7.47 6.16
N ALA A 55 -51.22 6.95 6.91
CA ALA A 55 -51.49 5.86 7.83
C ALA A 55 -52.38 6.35 8.96
N ARG A 56 -52.15 7.57 9.44
CA ARG A 56 -52.94 8.11 10.52
C ARG A 56 -54.38 8.39 10.07
N ILE A 57 -54.52 8.90 8.85
CA ILE A 57 -55.84 9.05 8.25
C ILE A 57 -56.58 7.69 8.19
N LEU A 58 -55.88 6.70 7.64
CA LEU A 58 -56.41 5.33 7.54
C LEU A 58 -56.81 4.78 8.90
N ILE A 59 -56.04 5.15 9.92
CA ILE A 59 -56.28 4.69 11.29
C ILE A 59 -57.55 5.32 11.84
N ILE A 60 -57.73 6.61 11.60
CA ILE A 60 -58.94 7.27 12.06
C ILE A 60 -60.17 6.69 11.39
N VAL A 61 -60.09 6.52 10.06
CA VAL A 61 -61.21 5.92 9.32
C VAL A 61 -61.54 4.50 9.80
N LEU A 62 -60.49 3.68 9.97
CA LEU A 62 -60.65 2.29 10.40
C LEU A 62 -61.25 2.19 11.80
N SER A 63 -60.69 2.97 12.72
CA SER A 63 -61.15 2.99 14.09
C SER A 63 -62.60 3.47 14.18
N GLU A 64 -62.96 4.39 13.29
CA GLU A 64 -64.34 4.87 13.29
C GLU A 64 -65.27 3.83 12.67
N MET A 65 -64.77 3.05 11.71
CA MET A 65 -65.52 1.92 11.19
C MET A 65 -65.81 0.91 12.29
N TRP A 66 -64.77 0.57 13.05
CA TRP A 66 -64.88 -0.38 14.14
C TRP A 66 -65.77 0.16 15.26
N ARG A 67 -65.85 1.49 15.35
CA ARG A 67 -66.74 2.14 16.32
C ARG A 67 -68.20 1.79 16.07
N PHE A 68 -68.58 1.77 14.78
CA PHE A 68 -69.95 1.45 14.39
C PHE A 68 -70.09 0.01 13.91
N GLY A 69 -69.22 -0.86 14.39
CA GLY A 69 -69.28 -2.28 14.06
C GLY A 69 -69.24 -2.66 12.59
N LEU A 70 -68.79 -1.75 11.73
CA LEU A 70 -68.68 -2.04 10.30
C LEU A 70 -67.47 -2.89 9.96
N THR A 71 -67.54 -4.18 10.28
CA THR A 71 -66.41 -5.09 10.09
C THR A 71 -66.12 -5.42 8.63
N LYS A 72 -67.17 -5.71 7.86
CA LYS A 72 -67.03 -6.05 6.44
C LYS A 72 -66.41 -4.89 5.65
N GLN A 73 -66.92 -3.69 5.93
CA GLN A 73 -66.41 -2.46 5.33
C GLN A 73 -64.91 -2.37 5.55
N SER A 74 -64.50 -2.62 6.80
CA SER A 74 -63.09 -2.58 7.17
C SER A 74 -62.30 -3.65 6.43
N GLU A 75 -62.90 -4.83 6.26
CA GLU A 75 -62.27 -5.92 5.52
C GLU A 75 -61.92 -5.48 4.10
N SER A 76 -62.93 -5.03 3.34
CA SER A 76 -62.70 -4.60 1.97
C SER A 76 -61.70 -3.45 1.90
N PHE A 77 -61.96 -2.43 2.73
CA PHE A 77 -61.12 -1.25 2.88
C PHE A 77 -59.64 -1.60 3.00
N LEU A 78 -59.33 -2.48 3.95
CA LEU A 78 -57.95 -2.82 4.25
C LEU A 78 -57.35 -3.80 3.24
N ALA A 79 -58.19 -4.62 2.63
CA ALA A 79 -57.71 -5.47 1.54
C ALA A 79 -57.16 -4.58 0.43
N GLN A 80 -57.98 -3.62 0.01
CA GLN A 80 -57.55 -2.70 -1.04
C GLN A 80 -56.36 -1.84 -0.59
N VAL A 81 -56.32 -1.48 0.69
CA VAL A 81 -55.17 -0.74 1.22
C VAL A 81 -53.87 -1.53 1.05
N LEU A 82 -53.86 -2.76 1.55
CA LEU A 82 -52.69 -3.62 1.46
C LEU A 82 -52.25 -3.82 0.01
N THR A 83 -53.20 -4.23 -0.83
CA THR A 83 -52.90 -4.52 -2.23
C THR A 83 -52.33 -3.29 -2.92
N THR A 84 -53.00 -2.15 -2.73
CA THR A 84 -52.56 -0.90 -3.34
C THR A 84 -51.16 -0.50 -2.88
N ILE A 85 -50.88 -0.61 -1.58
CA ILE A 85 -49.55 -0.22 -1.09
C ILE A 85 -48.47 -1.12 -1.70
N GLN A 86 -48.66 -2.43 -1.64
CA GLN A 86 -47.68 -3.33 -2.22
C GLN A 86 -47.48 -3.03 -3.71
N LYS A 87 -48.56 -2.74 -4.42
CA LYS A 87 -48.47 -2.44 -5.85
C LYS A 87 -47.69 -1.15 -6.11
N VAL A 88 -47.95 -0.13 -5.28
CA VAL A 88 -47.26 1.14 -5.37
C VAL A 88 -45.76 0.98 -5.15
N VAL A 89 -45.39 0.24 -4.11
CA VAL A 89 -43.97 0.01 -3.84
C VAL A 89 -43.33 -0.80 -4.96
N THR A 90 -44.08 -1.75 -5.51
CA THR A 90 -43.60 -2.59 -6.60
C THR A 90 -43.29 -1.79 -7.88
N GLN A 91 -44.01 -0.69 -8.09
CA GLN A 91 -43.88 0.08 -9.33
C GLN A 91 -42.91 1.27 -9.23
N LEU A 92 -42.24 1.41 -8.09
CA LEU A 92 -41.30 2.51 -7.88
C LEU A 92 -40.06 2.38 -8.76
N LYS A 93 -39.56 3.51 -9.24
CA LYS A 93 -38.30 3.55 -9.98
C LYS A 93 -37.73 4.96 -10.06
N GLY A 94 -36.44 5.07 -10.38
CA GLY A 94 -35.81 6.36 -10.60
C GLY A 94 -35.42 7.11 -9.35
N ASN A 95 -35.31 8.44 -9.49
CA ASN A 95 -34.86 9.32 -8.41
C ASN A 95 -35.75 9.26 -7.18
N ASP A 96 -36.96 8.75 -7.35
CA ASP A 96 -37.92 8.68 -6.27
C ASP A 96 -37.82 7.38 -5.48
N LEU A 97 -36.94 6.46 -5.91
CA LEU A 97 -36.85 5.14 -5.28
C LEU A 97 -36.59 5.20 -3.78
N ILE A 98 -35.51 5.85 -3.38
CA ILE A 98 -35.18 5.95 -1.95
C ILE A 98 -36.24 6.70 -1.13
N PRO A 99 -36.60 7.94 -1.51
CA PRO A 99 -37.54 8.65 -0.63
C PRO A 99 -38.92 8.00 -0.53
N SER A 100 -39.43 7.44 -1.64
CA SER A 100 -40.77 6.89 -1.64
C SER A 100 -40.86 5.63 -0.80
N GLY A 101 -39.97 4.67 -1.06
CA GLY A 101 -39.96 3.41 -0.35
C GLY A 101 -39.99 3.62 1.16
N VAL A 102 -39.01 4.38 1.65
CA VAL A 102 -38.92 4.71 3.07
C VAL A 102 -40.25 5.26 3.58
N PHE A 103 -40.81 6.19 2.79
CA PHE A 103 -42.09 6.81 3.13
C PHE A 103 -43.09 5.71 3.47
N TRP A 104 -43.24 4.76 2.55
CA TRP A 104 -44.22 3.71 2.76
C TRP A 104 -43.82 2.81 3.92
N LEU A 105 -42.52 2.58 4.05
CA LEU A 105 -42.02 1.78 5.17
C LEU A 105 -42.44 2.44 6.49
N ALA A 106 -42.48 3.77 6.49
CA ALA A 106 -42.93 4.45 7.70
C ALA A 106 -44.41 4.16 7.90
N ASN A 107 -45.19 4.36 6.83
CA ASN A 107 -46.63 4.32 6.94
C ASN A 107 -47.14 2.94 7.32
N VAL A 108 -46.62 1.93 6.64
CA VAL A 108 -46.97 0.56 6.97
C VAL A 108 -46.64 0.32 8.44
N ARG A 109 -45.48 0.83 8.87
CA ARG A 109 -45.06 0.61 10.25
C ARG A 109 -46.05 1.29 11.19
N GLU A 110 -46.58 2.42 10.75
CA GLU A 110 -47.55 3.15 11.54
C GLU A 110 -48.86 2.38 11.59
N LEU A 111 -49.19 1.69 10.51
CA LEU A 111 -50.45 0.97 10.46
C LEU A 111 -50.39 -0.26 11.34
N TYR A 112 -49.38 -1.09 11.08
CA TYR A 112 -49.13 -2.30 11.85
C TYR A 112 -49.17 -2.03 13.35
N SER A 113 -48.35 -1.07 13.79
CA SER A 113 -48.26 -0.73 15.21
C SER A 113 -49.62 -0.42 15.82
N PHE A 114 -50.53 0.10 15.00
CA PHE A 114 -51.87 0.39 15.49
C PHE A 114 -52.71 -0.88 15.58
N VAL A 115 -52.67 -1.69 14.51
CA VAL A 115 -53.47 -2.91 14.47
C VAL A 115 -53.13 -3.79 15.67
N VAL A 116 -51.83 -3.94 15.90
CA VAL A 116 -51.32 -4.60 17.08
C VAL A 116 -51.97 -4.01 18.34
N PHE A 117 -51.84 -2.69 18.49
CA PHE A 117 -52.42 -1.97 19.61
C PHE A 117 -53.93 -2.23 19.72
N ALA A 118 -54.58 -2.45 18.59
CA ALA A 118 -56.00 -2.73 18.63
C ALA A 118 -56.24 -4.11 19.23
N LEU A 119 -55.52 -5.10 18.70
CA LEU A 119 -55.74 -6.49 19.08
C LEU A 119 -55.66 -6.63 20.59
N ASN A 120 -54.55 -6.15 21.13
CA ASN A 120 -54.28 -6.21 22.55
C ASN A 120 -55.46 -5.66 23.33
N SER A 121 -55.94 -4.48 22.92
CA SER A 121 -57.06 -3.84 23.60
C SER A 121 -58.27 -4.76 23.56
N ILE A 122 -58.59 -5.25 22.37
CA ILE A 122 -59.77 -6.07 22.19
C ILE A 122 -59.70 -7.28 23.11
N LEU A 123 -58.49 -7.76 23.38
CA LEU A 123 -58.33 -8.94 24.20
C LEU A 123 -58.23 -8.57 25.67
N THR A 124 -57.76 -7.37 25.97
CA THR A 124 -57.40 -7.04 27.34
C THR A 124 -58.55 -6.39 28.09
N GLU A 125 -59.16 -5.38 27.50
CA GLU A 125 -60.20 -4.63 28.18
C GLU A 125 -61.59 -5.18 27.88
N GLU A 126 -62.31 -5.49 28.95
CA GLU A 126 -63.61 -6.15 28.87
C GLU A 126 -64.66 -5.25 28.25
N THR A 127 -64.46 -3.93 28.39
CA THR A 127 -65.39 -2.92 27.88
C THR A 127 -65.76 -3.12 26.40
N PHE A 128 -64.84 -3.67 25.63
CA PHE A 128 -65.06 -3.86 24.20
C PHE A 128 -65.98 -5.02 23.88
N LYS A 129 -66.61 -5.60 24.91
CA LYS A 129 -67.55 -6.68 24.72
C LYS A 129 -68.98 -6.20 24.94
N ASN A 130 -69.09 -4.96 25.41
CA ASN A 130 -70.37 -4.42 25.87
C ASN A 130 -71.46 -4.37 24.81
N GLY A 131 -71.15 -3.78 23.66
CA GLY A 131 -72.17 -3.52 22.66
C GLY A 131 -72.33 -4.52 21.55
N MET A 132 -71.64 -5.67 21.64
CA MET A 132 -71.69 -6.65 20.57
C MET A 132 -71.91 -8.06 21.11
N THR A 133 -72.46 -8.94 20.27
CA THR A 133 -72.71 -10.32 20.67
C THR A 133 -71.41 -11.10 20.76
N ASP A 134 -71.50 -12.32 21.27
CA ASP A 134 -70.32 -13.15 21.49
C ASP A 134 -69.60 -13.48 20.18
N GLU A 135 -70.37 -13.80 19.14
CA GLU A 135 -69.77 -14.29 17.91
C GLU A 135 -69.34 -13.13 17.01
N GLU A 136 -69.97 -11.97 17.19
CA GLU A 136 -69.53 -10.75 16.51
C GLU A 136 -68.17 -10.36 17.07
N TYR A 137 -68.01 -10.47 18.39
CA TYR A 137 -66.74 -10.24 19.05
C TYR A 137 -65.72 -11.26 18.56
N LYS A 138 -66.14 -12.50 18.43
CA LYS A 138 -65.28 -13.56 17.95
C LYS A 138 -64.72 -13.26 16.55
N GLU A 139 -65.62 -12.89 15.63
CA GLU A 139 -65.24 -12.60 14.25
C GLU A 139 -64.43 -11.31 14.17
N TYR A 140 -64.65 -10.44 15.14
CA TYR A 140 -63.90 -9.19 15.29
C TYR A 140 -62.43 -9.49 15.63
N VAL A 141 -62.24 -10.28 16.68
CA VAL A 141 -60.92 -10.75 17.11
C VAL A 141 -60.21 -11.47 15.97
N SER A 142 -60.94 -12.37 15.31
CA SER A 142 -60.40 -13.09 14.16
C SER A 142 -59.90 -12.12 13.09
N LEU A 143 -60.75 -11.15 12.75
CA LEU A 143 -60.42 -10.13 11.76
C LEU A 143 -59.15 -9.39 12.11
N VAL A 144 -59.09 -8.80 13.30
CA VAL A 144 -57.94 -8.00 13.71
C VAL A 144 -56.66 -8.84 13.76
N THR A 145 -56.78 -10.08 14.23
CA THR A 145 -55.63 -10.99 14.25
C THR A 145 -55.07 -11.25 12.85
N GLU A 146 -55.95 -11.69 11.95
CA GLU A 146 -55.52 -12.00 10.60
C GLU A 146 -54.97 -10.75 9.92
N LEU A 147 -55.50 -9.60 10.33
CA LEU A 147 -55.06 -8.31 9.82
C LEU A 147 -53.62 -8.01 10.28
N LYS A 148 -53.34 -8.32 11.54
CA LYS A 148 -52.00 -8.18 12.09
C LYS A 148 -51.02 -9.03 11.28
N ASP A 149 -51.38 -10.30 11.08
CA ASP A 149 -50.51 -11.18 10.29
C ASP A 149 -50.29 -10.63 8.87
N ASP A 150 -51.36 -10.14 8.25
CA ASP A 150 -51.29 -9.61 6.89
C ASP A 150 -50.44 -8.36 6.80
N PHE A 151 -50.42 -7.55 7.86
CA PHE A 151 -49.57 -6.36 7.87
C PHE A 151 -48.11 -6.72 8.13
N GLU A 152 -47.86 -7.77 8.91
CA GLU A 152 -46.52 -8.33 8.99
C GLU A 152 -46.04 -8.71 7.59
N ALA A 153 -46.88 -9.47 6.88
CA ALA A 153 -46.58 -9.88 5.52
C ALA A 153 -46.31 -8.68 4.62
N LEU A 154 -47.13 -7.64 4.72
CA LEU A 154 -46.95 -6.44 3.89
C LEU A 154 -45.63 -5.73 4.16
N SER A 155 -45.33 -5.51 5.44
CA SER A 155 -44.07 -4.90 5.85
C SER A 155 -42.88 -5.66 5.26
N TYR A 156 -42.88 -6.98 5.51
CA TYR A 156 -41.86 -7.88 4.95
C TYR A 156 -41.71 -7.70 3.43
N ASN A 157 -42.85 -7.73 2.75
CA ASN A 157 -42.90 -7.64 1.30
C ASN A 157 -42.30 -6.35 0.75
N ILE A 158 -42.79 -5.21 1.23
CA ILE A 158 -42.33 -3.95 0.67
C ILE A 158 -40.88 -3.69 1.07
N TYR A 159 -40.49 -4.16 2.26
CA TYR A 159 -39.08 -4.06 2.62
C TYR A 159 -38.20 -4.82 1.63
N ASN A 160 -38.53 -6.08 1.37
CA ASN A 160 -37.69 -6.89 0.49
C ASN A 160 -37.71 -6.39 -0.96
N ILE A 161 -38.87 -5.93 -1.41
CA ILE A 161 -39.03 -5.41 -2.76
C ILE A 161 -38.18 -4.15 -2.95
N TRP A 162 -38.33 -3.22 -2.01
CA TRP A 162 -37.57 -1.98 -2.03
C TRP A 162 -36.07 -2.23 -1.95
N LEU A 163 -35.66 -3.13 -1.06
CA LEU A 163 -34.25 -3.47 -0.93
C LEU A 163 -33.68 -4.10 -2.21
N LYS A 164 -34.48 -4.95 -2.86
CA LYS A 164 -34.05 -5.56 -4.11
C LYS A 164 -33.89 -4.49 -5.19
N LYS A 165 -34.83 -3.54 -5.23
CA LYS A 165 -34.74 -2.43 -6.16
C LYS A 165 -33.48 -1.59 -5.92
N LEU A 166 -33.16 -1.39 -4.64
CA LEU A 166 -31.96 -0.68 -4.24
C LEU A 166 -30.71 -1.40 -4.74
N GLN A 167 -30.67 -2.71 -4.52
CA GLN A 167 -29.59 -3.53 -5.04
C GLN A 167 -29.47 -3.34 -6.56
N LYS A 168 -30.59 -3.33 -7.25
CA LYS A 168 -30.60 -3.13 -8.70
C LYS A 168 -30.00 -1.77 -9.08
N GLN A 169 -30.33 -0.73 -8.31
CA GLN A 169 -29.81 0.61 -8.60
C GLN A 169 -28.32 0.73 -8.27
N LEU A 170 -27.84 -0.05 -7.31
CA LEU A 170 -26.43 -0.06 -6.97
C LEU A 170 -25.60 -0.83 -7.99
N GLN A 171 -26.17 -1.93 -8.46
CA GLN A 171 -25.55 -2.84 -9.45
C GLN A 171 -24.62 -2.17 -10.47
N LYS A 172 -25.16 -1.22 -11.22
CA LYS A 172 -24.42 -0.56 -12.29
C LYS A 172 -23.30 0.33 -11.75
N LYS A 173 -23.68 1.29 -10.90
CA LYS A 173 -22.74 2.25 -10.35
C LYS A 173 -21.55 1.63 -9.61
N ALA A 174 -21.81 0.62 -8.79
CA ALA A 174 -20.81 0.11 -7.85
C ALA A 174 -19.62 -0.58 -8.54
N ILE A 175 -19.89 -1.33 -9.59
CA ILE A 175 -18.84 -2.05 -10.29
C ILE A 175 -17.86 -1.10 -10.96
N ASN A 176 -18.41 -0.07 -11.61
CA ASN A 176 -17.60 0.93 -12.29
C ASN A 176 -16.87 1.81 -11.28
N ALA A 177 -17.54 2.13 -10.18
CA ALA A 177 -16.99 3.04 -9.17
C ALA A 177 -15.91 2.40 -8.31
N VAL A 178 -16.01 1.10 -8.04
CA VAL A 178 -15.09 0.45 -7.12
C VAL A 178 -13.94 -0.24 -7.85
N VAL A 179 -14.27 -0.96 -8.91
CA VAL A 179 -13.27 -1.75 -9.63
C VAL A 179 -12.53 -0.92 -10.68
N ILE A 180 -13.28 -0.16 -11.48
CA ILE A 180 -12.69 0.54 -12.61
C ILE A 180 -12.26 1.98 -12.30
N SER A 181 -12.98 2.64 -11.39
CA SER A 181 -12.67 4.04 -11.09
C SER A 181 -11.29 4.20 -10.48
N GLU A 182 -10.58 5.24 -10.94
CA GLU A 182 -9.24 5.54 -10.45
C GLU A 182 -9.20 6.93 -9.82
N SER A 183 -9.23 6.98 -8.49
CA SER A 183 -9.21 8.25 -7.78
C SER A 183 -7.81 8.88 -7.77
N LEU A 184 -6.84 8.12 -7.29
CA LEU A 184 -5.47 8.62 -7.14
C LEU A 184 -4.81 8.93 -8.48
N PRO A 185 -4.20 10.11 -8.60
CA PRO A 185 -3.41 10.47 -9.79
C PRO A 185 -2.02 9.85 -9.76
N GLY A 186 -1.63 9.17 -10.83
CA GLY A 186 -0.31 8.59 -10.92
C GLY A 186 -0.29 7.09 -10.72
N PHE A 187 -1.46 6.47 -10.81
CA PHE A 187 -1.57 5.02 -10.66
C PHE A 187 -2.49 4.43 -11.72
N GLU A 199 -19.80 7.85 -16.76
CA GLU A 199 -18.93 7.07 -15.90
C GLU A 199 -19.12 7.43 -14.43
N TYR A 200 -19.12 6.42 -13.57
CA TYR A 200 -19.37 6.62 -12.15
C TYR A 200 -18.08 6.61 -11.34
N THR A 201 -18.08 7.37 -10.24
CA THR A 201 -16.95 7.39 -9.31
C THR A 201 -17.42 7.01 -7.90
N MET A 202 -16.51 7.09 -6.94
CA MET A 202 -16.85 6.75 -5.56
C MET A 202 -17.81 7.75 -4.94
N ASP A 203 -17.76 8.99 -5.42
CA ASP A 203 -18.64 10.05 -4.95
C ASP A 203 -20.09 9.69 -5.22
N ASP A 204 -20.34 8.95 -6.29
CA ASP A 204 -21.71 8.53 -6.62
C ASP A 204 -22.23 7.52 -5.61
N ILE A 205 -21.42 6.50 -5.31
CA ILE A 205 -21.74 5.50 -4.29
C ILE A 205 -22.00 6.17 -2.94
N LEU A 206 -21.03 6.98 -2.52
CA LEU A 206 -21.12 7.71 -1.27
C LEU A 206 -22.36 8.60 -1.23
N THR A 207 -22.74 9.15 -2.37
CA THR A 207 -23.94 9.98 -2.45
C THR A 207 -25.20 9.13 -2.25
N PHE A 208 -25.21 7.96 -2.88
CA PHE A 208 -26.28 6.98 -2.74
C PHE A 208 -26.49 6.64 -1.26
N PHE A 209 -25.41 6.24 -0.60
CA PHE A 209 -25.51 5.87 0.81
C PHE A 209 -25.84 7.07 1.71
N ASN A 210 -25.34 8.26 1.34
CA ASN A 210 -25.72 9.49 2.03
C ASN A 210 -27.22 9.70 1.97
N SER A 211 -27.79 9.41 0.80
CA SER A 211 -29.21 9.60 0.55
C SER A 211 -30.03 8.62 1.36
N ILE A 212 -29.58 7.36 1.40
CA ILE A 212 -30.22 6.36 2.24
C ILE A 212 -30.21 6.79 3.72
N TYR A 213 -29.02 7.09 4.22
CA TYR A 213 -28.83 7.55 5.61
C TYR A 213 -29.74 8.72 5.97
N TRP A 214 -29.66 9.80 5.19
CA TRP A 214 -30.39 11.03 5.48
C TRP A 214 -31.89 10.84 5.33
N CYS A 215 -32.31 10.13 4.30
CA CYS A 215 -33.73 9.81 4.12
C CYS A 215 -34.28 9.08 5.35
N MET A 216 -33.64 7.98 5.71
CA MET A 216 -34.09 7.22 6.88
C MET A 216 -34.07 8.06 8.16
N LYS A 217 -33.11 8.96 8.26
CA LYS A 217 -33.00 9.82 9.44
C LYS A 217 -34.17 10.82 9.51
N SER A 218 -34.51 11.41 8.37
CA SER A 218 -35.52 12.47 8.32
C SER A 218 -36.95 11.94 8.37
N PHE A 219 -37.12 10.67 8.06
CA PHE A 219 -38.44 10.06 8.10
C PHE A 219 -38.64 9.30 9.40
N HIS A 220 -37.79 9.61 10.38
CA HIS A 220 -37.87 9.04 11.72
C HIS A 220 -37.88 7.50 11.71
N ILE A 221 -37.04 6.93 10.85
CA ILE A 221 -36.93 5.48 10.75
C ILE A 221 -35.95 4.94 11.79
N GLU A 222 -36.28 3.80 12.39
CA GLU A 222 -35.45 3.20 13.42
C GLU A 222 -34.11 2.71 12.88
N ASN A 223 -33.05 2.87 13.68
CA ASN A 223 -31.68 2.66 13.22
C ASN A 223 -31.36 1.24 12.76
N GLU A 224 -31.94 0.24 13.42
CA GLU A 224 -31.67 -1.16 13.10
C GLU A 224 -31.99 -1.46 11.64
N VAL A 225 -33.03 -0.80 11.12
CA VAL A 225 -33.42 -0.95 9.72
C VAL A 225 -32.32 -0.40 8.81
N PHE A 226 -31.77 0.74 9.20
CA PHE A 226 -30.67 1.36 8.48
C PHE A 226 -29.45 0.44 8.44
N HIS A 227 -29.08 -0.07 9.61
CA HIS A 227 -27.96 -0.99 9.73
CA HIS A 227 -27.96 -0.99 9.73
C HIS A 227 -28.16 -2.23 8.85
N ALA A 228 -29.39 -2.75 8.85
CA ALA A 228 -29.71 -3.94 8.07
C ALA A 228 -29.59 -3.68 6.57
N VAL A 229 -30.19 -2.57 6.14
CA VAL A 229 -30.19 -2.19 4.71
C VAL A 229 -28.78 -1.96 4.19
N VAL A 230 -28.02 -1.13 4.91
CA VAL A 230 -26.67 -0.82 4.49
C VAL A 230 -25.75 -2.04 4.56
N THR A 231 -25.88 -2.84 5.62
CA THR A 231 -25.13 -4.09 5.69
C THR A 231 -25.40 -4.98 4.47
N THR A 232 -26.68 -5.14 4.14
CA THR A 232 -27.05 -5.99 3.00
C THR A 232 -26.45 -5.46 1.70
N LEU A 233 -26.67 -4.17 1.45
CA LEU A 233 -26.17 -3.53 0.24
C LEU A 233 -24.65 -3.62 0.12
N LEU A 234 -23.94 -3.42 1.23
CA LEU A 234 -22.49 -3.50 1.26
C LEU A 234 -21.99 -4.91 1.00
N ASN A 235 -22.62 -5.92 1.61
CA ASN A 235 -22.27 -7.31 1.31
C ASN A 235 -22.45 -7.57 -0.17
N TYR A 236 -23.53 -7.01 -0.72
CA TYR A 236 -23.84 -7.16 -2.13
C TYR A 236 -22.74 -6.58 -3.01
N VAL A 237 -22.30 -5.37 -2.68
CA VAL A 237 -21.20 -4.70 -3.37
C VAL A 237 -19.91 -5.51 -3.29
N ASP A 238 -19.55 -5.93 -2.09
CA ASP A 238 -18.39 -6.79 -1.86
C ASP A 238 -18.42 -7.99 -2.79
N ALA A 239 -19.60 -8.62 -2.88
CA ALA A 239 -19.76 -9.83 -3.68
C ALA A 239 -19.59 -9.56 -5.17
N ILE A 240 -20.39 -8.63 -5.70
CA ILE A 240 -20.37 -8.37 -7.13
C ILE A 240 -19.02 -7.80 -7.61
N CYS A 241 -18.40 -6.98 -6.77
CA CYS A 241 -17.12 -6.37 -7.11
C CYS A 241 -16.00 -7.39 -7.03
N PHE A 242 -16.06 -8.29 -6.06
CA PHE A 242 -15.10 -9.39 -6.03
C PHE A 242 -15.26 -10.23 -7.30
N ASN A 243 -16.51 -10.52 -7.65
CA ASN A 243 -16.80 -11.32 -8.84
C ASN A 243 -16.39 -10.62 -10.13
N GLU A 244 -16.24 -9.30 -10.08
CA GLU A 244 -15.72 -8.56 -11.21
C GLU A 244 -14.19 -8.58 -11.25
N LEU A 245 -13.57 -8.44 -10.07
CA LEU A 245 -12.12 -8.44 -9.96
C LEU A 245 -11.50 -9.77 -10.36
N ILE A 246 -12.06 -10.86 -9.85
CA ILE A 246 -11.45 -12.17 -10.03
C ILE A 246 -11.57 -12.68 -11.48
N MET A 247 -12.20 -11.89 -12.35
CA MET A 247 -12.33 -12.25 -13.75
C MET A 247 -11.51 -11.32 -14.64
N LYS A 248 -11.08 -10.20 -14.07
CA LYS A 248 -10.21 -9.26 -14.77
C LYS A 248 -8.83 -9.86 -15.03
N ARG A 249 -8.43 -9.94 -16.29
CA ARG A 249 -7.21 -10.65 -16.65
C ARG A 249 -6.00 -9.73 -16.87
N ASN A 250 -6.16 -8.70 -17.69
CA ASN A 250 -5.07 -7.77 -17.97
C ASN A 250 -5.24 -6.50 -17.14
N PHE A 251 -5.59 -6.70 -15.88
CA PHE A 251 -6.08 -5.62 -15.04
C PHE A 251 -5.45 -5.60 -13.65
N LEU A 252 -5.23 -6.78 -13.08
CA LEU A 252 -4.80 -6.89 -11.69
C LEU A 252 -3.32 -6.58 -11.52
N SER A 253 -3.04 -5.48 -10.82
CA SER A 253 -1.67 -5.03 -10.62
C SER A 253 -1.51 -4.36 -9.25
N TRP A 254 -0.29 -3.92 -8.95
CA TRP A 254 0.00 -3.28 -7.68
C TRP A 254 -0.61 -1.88 -7.57
N LYS A 255 -0.53 -1.12 -8.66
CA LYS A 255 -1.16 0.21 -8.73
C LYS A 255 -2.66 0.09 -8.60
N ARG A 256 -3.22 -0.86 -9.36
CA ARG A 256 -4.64 -1.15 -9.31
C ARG A 256 -5.05 -1.52 -7.88
N GLY A 257 -4.22 -2.33 -7.22
CA GLY A 257 -4.43 -2.69 -5.83
C GLY A 257 -4.46 -1.46 -4.94
N LEU A 258 -3.55 -0.52 -5.23
CA LEU A 258 -3.46 0.72 -4.47
C LEU A 258 -4.75 1.53 -4.57
N GLN A 259 -5.22 1.74 -5.79
CA GLN A 259 -6.43 2.54 -6.00
C GLN A 259 -7.68 1.85 -5.44
N LEU A 260 -7.80 0.55 -5.69
CA LEU A 260 -8.88 -0.24 -5.11
C LEU A 260 -8.91 -0.08 -3.59
N ASN A 261 -7.74 -0.20 -2.99
CA ASN A 261 -7.57 0.00 -1.56
C ASN A 261 -8.07 1.38 -1.14
N TYR A 262 -7.74 2.41 -1.92
CA TYR A 262 -8.21 3.76 -1.61
C TYR A 262 -9.75 3.88 -1.63
N ASN A 263 -10.37 3.37 -2.69
CA ASN A 263 -11.83 3.38 -2.82
C ASN A 263 -12.54 2.68 -1.66
N VAL A 264 -12.14 1.42 -1.46
CA VAL A 264 -12.74 0.62 -0.39
C VAL A 264 -12.53 1.32 0.95
N THR A 265 -11.37 1.96 1.10
CA THR A 265 -11.09 2.75 2.29
C THR A 265 -12.11 3.89 2.43
N ARG A 266 -12.48 4.52 1.32
CA ARG A 266 -13.49 5.57 1.37
C ARG A 266 -14.82 5.02 1.89
N LEU A 267 -15.25 3.88 1.34
CA LEU A 267 -16.46 3.23 1.89
C LEU A 267 -16.36 2.95 3.40
N GLU A 268 -15.21 2.39 3.81
CA GLU A 268 -14.95 2.11 5.22
C GLU A 268 -15.10 3.36 6.09
N GLU A 269 -14.54 4.47 5.63
CA GLU A 269 -14.65 5.74 6.35
C GLU A 269 -16.10 6.21 6.43
N TRP A 270 -16.84 6.00 5.35
CA TRP A 270 -18.26 6.35 5.37
C TRP A 270 -18.97 5.57 6.46
N CYS A 271 -18.68 4.27 6.54
CA CYS A 271 -19.27 3.43 7.58
C CYS A 271 -18.89 3.90 8.98
N LYS A 272 -17.60 4.14 9.21
CA LYS A 272 -17.12 4.62 10.50
C LYS A 272 -17.78 5.92 10.91
N THR A 273 -18.05 6.80 9.95
CA THR A 273 -18.60 8.12 10.28
C THR A 273 -20.13 8.14 10.31
N HIS A 274 -20.76 7.07 9.83
CA HIS A 274 -22.22 7.02 9.86
C HIS A 274 -22.74 5.93 10.79
N GLY A 275 -21.99 5.68 11.86
CA GLY A 275 -22.47 4.87 12.97
C GLY A 275 -22.43 3.36 12.79
N LEU A 276 -21.80 2.91 11.71
CA LEU A 276 -21.72 1.47 11.44
C LEU A 276 -20.39 0.89 11.89
N THR A 277 -20.46 0.02 12.90
CA THR A 277 -19.29 -0.63 13.45
C THR A 277 -18.74 -1.76 12.58
N ASP A 278 -19.63 -2.49 11.92
CA ASP A 278 -19.25 -3.70 11.19
C ASP A 278 -19.19 -3.54 9.66
N GLY A 279 -18.75 -2.37 9.20
CA GLY A 279 -18.58 -2.11 7.78
C GLY A 279 -17.47 -2.92 7.12
N THR A 280 -16.26 -2.82 7.69
CA THR A 280 -15.10 -3.59 7.26
C THR A 280 -15.43 -5.06 7.06
N GLU A 281 -16.18 -5.61 8.01
CA GLU A 281 -16.59 -7.00 7.99
C GLU A 281 -17.50 -7.26 6.79
N CYS A 282 -18.25 -6.24 6.39
CA CYS A 282 -19.11 -6.36 5.22
C CYS A 282 -18.30 -6.19 3.94
N LEU A 283 -17.12 -5.59 4.04
CA LEU A 283 -16.27 -5.37 2.87
C LEU A 283 -15.00 -6.22 2.89
N GLN A 284 -15.06 -7.33 3.62
CA GLN A 284 -13.90 -8.19 3.84
C GLN A 284 -13.20 -8.69 2.57
N HIS A 285 -13.96 -9.17 1.60
CA HIS A 285 -13.36 -9.74 0.40
C HIS A 285 -12.64 -8.71 -0.45
N LEU A 286 -13.24 -7.53 -0.59
CA LEU A 286 -12.61 -6.46 -1.35
C LEU A 286 -11.37 -5.95 -0.60
N ILE A 287 -11.52 -5.78 0.71
CA ILE A 287 -10.40 -5.33 1.54
C ILE A 287 -9.21 -6.29 1.40
N GLN A 288 -9.49 -7.59 1.51
CA GLN A 288 -8.44 -8.60 1.45
C GLN A 288 -7.85 -8.76 0.05
N THR A 289 -8.67 -8.60 -0.98
CA THR A 289 -8.16 -8.60 -2.34
C THR A 289 -7.21 -7.41 -2.56
N ALA A 290 -7.57 -6.27 -2.00
CA ALA A 290 -6.71 -5.10 -2.03
C ALA A 290 -5.42 -5.34 -1.26
N LYS A 291 -5.52 -6.06 -0.15
CA LYS A 291 -4.36 -6.36 0.69
C LYS A 291 -3.39 -7.30 -0.02
N LEU A 292 -3.94 -8.28 -0.75
CA LEU A 292 -3.12 -9.22 -1.52
C LEU A 292 -2.29 -8.49 -2.57
N LEU A 293 -2.96 -7.66 -3.36
CA LEU A 293 -2.33 -6.97 -4.49
C LEU A 293 -1.21 -6.02 -4.09
N GLN A 294 -1.06 -5.77 -2.79
CA GLN A 294 -0.07 -4.81 -2.35
C GLN A 294 1.10 -5.47 -1.62
N VAL A 295 0.81 -6.39 -0.70
CA VAL A 295 1.87 -7.11 0.02
C VAL A 295 2.73 -7.94 -0.93
N ARG A 296 3.99 -8.12 -0.55
CA ARG A 296 4.95 -8.87 -1.37
C ARG A 296 4.53 -10.33 -1.56
N LYS A 297 4.70 -10.83 -2.77
CA LYS A 297 4.36 -12.22 -3.08
C LYS A 297 5.54 -12.91 -3.77
N TYR A 298 6.74 -12.62 -3.30
CA TYR A 298 7.96 -13.11 -3.92
C TYR A 298 8.52 -14.34 -3.18
N THR A 299 8.60 -14.25 -1.86
CA THR A 299 9.10 -15.34 -1.03
C THR A 299 7.96 -16.27 -0.63
N ILE A 300 8.29 -17.51 -0.27
CA ILE A 300 7.31 -18.46 0.22
C ILE A 300 6.78 -17.99 1.58
N GLU A 301 7.65 -17.31 2.33
CA GLU A 301 7.27 -16.64 3.57
C GLU A 301 6.14 -15.65 3.32
N ASP A 302 6.29 -14.85 2.27
CA ASP A 302 5.31 -13.85 1.87
C ASP A 302 3.95 -14.47 1.58
N ILE A 303 3.96 -15.67 0.99
CA ILE A 303 2.73 -16.39 0.68
C ILE A 303 2.12 -16.98 1.96
N ASP A 304 2.98 -17.43 2.86
CA ASP A 304 2.51 -17.94 4.16
C ASP A 304 1.81 -16.83 4.93
N ILE A 305 2.35 -15.61 4.84
CA ILE A 305 1.73 -14.46 5.48
C ILE A 305 0.43 -14.09 4.76
N LEU A 306 0.47 -14.20 3.43
CA LEU A 306 -0.70 -13.96 2.57
C LEU A 306 -1.86 -14.88 2.94
N ARG A 307 -1.55 -16.09 3.38
CA ARG A 307 -2.59 -17.04 3.79
C ARG A 307 -3.30 -16.55 5.04
N GLY A 308 -2.55 -15.90 5.92
CA GLY A 308 -3.08 -15.41 7.18
C GLY A 308 -3.79 -14.08 7.05
N ILE A 309 -3.37 -13.28 6.08
CA ILE A 309 -4.01 -12.00 5.82
C ILE A 309 -5.40 -12.19 5.20
N CYS A 310 -5.49 -13.03 4.17
CA CYS A 310 -6.74 -13.29 3.48
C CYS A 310 -7.51 -14.44 4.13
N TYR A 311 -7.87 -14.27 5.39
CA TYR A 311 -8.53 -15.33 6.15
C TYR A 311 -9.97 -15.59 5.69
N SER A 312 -10.40 -14.89 4.64
CA SER A 312 -11.76 -15.05 4.12
C SER A 312 -11.75 -15.52 2.66
N LEU A 313 -10.57 -15.86 2.16
CA LEU A 313 -10.45 -16.29 0.77
C LEU A 313 -9.98 -17.74 0.68
N THR A 314 -10.71 -18.54 -0.10
CA THR A 314 -10.34 -19.92 -0.33
C THR A 314 -9.07 -19.96 -1.18
N PRO A 315 -8.24 -21.01 -0.99
CA PRO A 315 -6.99 -21.17 -1.74
C PRO A 315 -7.18 -21.06 -3.26
N ALA A 316 -8.34 -21.48 -3.75
CA ALA A 316 -8.64 -21.38 -5.18
C ALA A 316 -8.71 -19.93 -5.63
N GLN A 317 -9.31 -19.09 -4.80
CA GLN A 317 -9.42 -17.66 -5.09
C GLN A 317 -8.06 -16.98 -5.03
N LEU A 318 -7.25 -17.38 -4.06
CA LEU A 318 -5.87 -16.91 -3.95
C LEU A 318 -5.11 -17.24 -5.22
N GLN A 319 -5.19 -18.51 -5.63
CA GLN A 319 -4.54 -18.96 -6.85
C GLN A 319 -5.01 -18.17 -8.06
N LYS A 320 -6.31 -17.91 -8.14
CA LYS A 320 -6.86 -17.12 -9.24
C LYS A 320 -6.28 -15.71 -9.27
N LEU A 321 -6.32 -15.03 -8.13
CA LEU A 321 -5.85 -13.65 -8.06
C LEU A 321 -4.35 -13.54 -8.35
N ILE A 322 -3.58 -14.47 -7.81
CA ILE A 322 -2.14 -14.50 -8.05
C ILE A 322 -1.80 -14.80 -9.52
N SER A 323 -2.49 -15.78 -10.09
CA SER A 323 -2.22 -16.20 -11.47
C SER A 323 -2.59 -15.14 -12.49
N GLN A 324 -3.31 -14.11 -12.06
CA GLN A 324 -3.69 -13.02 -12.95
C GLN A 324 -3.06 -11.69 -12.54
N TYR A 325 -1.96 -11.77 -11.80
CA TYR A 325 -1.22 -10.59 -11.40
C TYR A 325 -0.40 -10.01 -12.55
N GLN A 326 -0.66 -8.76 -12.91
CA GLN A 326 0.05 -8.10 -13.99
C GLN A 326 1.22 -7.28 -13.46
N VAL A 327 2.43 -7.69 -13.84
CA VAL A 327 3.65 -7.04 -13.39
C VAL A 327 3.86 -5.68 -14.08
N ALA A 328 4.54 -4.77 -13.39
CA ALA A 328 4.78 -3.43 -13.90
C ALA A 328 6.17 -3.32 -14.52
N ASP A 329 6.54 -2.09 -14.90
CA ASP A 329 7.85 -1.83 -15.47
C ASP A 329 8.96 -2.20 -14.50
N TYR A 330 10.02 -2.80 -15.04
CA TYR A 330 11.20 -3.26 -14.29
C TYR A 330 10.83 -4.10 -13.06
N GLU A 331 9.65 -4.70 -13.06
CA GLU A 331 9.22 -5.44 -11.87
C GLU A 331 9.35 -6.93 -12.06
N SER A 332 10.00 -7.57 -11.09
CA SER A 332 10.25 -9.00 -11.15
C SER A 332 8.95 -9.79 -10.97
N PRO A 333 8.65 -10.66 -11.95
CA PRO A 333 7.45 -11.48 -12.01
C PRO A 333 7.25 -12.35 -10.78
N ILE A 334 6.01 -12.79 -10.54
CA ILE A 334 5.74 -13.75 -9.48
C ILE A 334 6.48 -15.04 -9.81
N PRO A 335 7.44 -15.43 -8.95
CA PRO A 335 8.28 -16.61 -9.16
C PRO A 335 7.48 -17.86 -9.48
N GLN A 336 7.97 -18.67 -10.42
CA GLN A 336 7.27 -19.90 -10.80
C GLN A 336 7.27 -20.88 -9.64
N GLU A 337 8.27 -20.77 -8.77
CA GLU A 337 8.34 -21.58 -7.56
C GLU A 337 7.17 -21.24 -6.64
N ILE A 338 6.74 -19.99 -6.69
CA ILE A 338 5.67 -19.50 -5.84
C ILE A 338 4.31 -19.91 -6.39
N LEU A 339 4.15 -19.79 -7.71
CA LEU A 339 2.95 -20.28 -8.37
C LEU A 339 2.79 -21.77 -8.13
N ARG A 340 3.91 -22.49 -8.17
CA ARG A 340 3.94 -23.92 -7.87
C ARG A 340 3.51 -24.18 -6.44
N TYR A 341 4.10 -23.47 -5.49
CA TYR A 341 3.75 -23.62 -4.08
C TYR A 341 2.27 -23.36 -3.80
N VAL A 342 1.74 -22.32 -4.43
CA VAL A 342 0.34 -21.93 -4.22
C VAL A 342 -0.58 -22.99 -4.82
N ALA A 343 -0.26 -23.41 -6.04
CA ALA A 343 -1.01 -24.49 -6.69
C ALA A 343 -0.88 -25.79 -5.89
N ASP A 344 0.15 -25.87 -5.06
CA ASP A 344 0.39 -27.04 -4.22
C ASP A 344 -0.42 -26.97 -2.93
N ILE A 345 -0.72 -25.75 -2.47
CA ILE A 345 -1.60 -25.60 -1.31
C ILE A 345 -3.05 -25.79 -1.75
N VAL A 346 -3.36 -25.33 -2.96
CA VAL A 346 -4.67 -25.56 -3.55
C VAL A 346 -4.88 -27.05 -3.77
N LYS A 347 -3.86 -27.70 -4.35
CA LYS A 347 -3.86 -29.15 -4.50
C LYS A 347 -4.06 -29.84 -3.15
N LYS A 348 -3.33 -29.35 -2.15
CA LYS A 348 -3.38 -29.90 -0.80
C LYS A 348 -4.78 -29.85 -0.19
N GLU A 349 -5.41 -28.68 -0.25
CA GLU A 349 -6.68 -28.47 0.43
C GLU A 349 -7.91 -28.70 -0.45
N ALA A 350 -7.68 -29.12 -1.69
CA ALA A 350 -8.77 -29.53 -2.56
C ALA A 350 -9.31 -30.89 -2.14
N ALA A 351 -8.38 -31.81 -1.88
CA ALA A 351 -8.73 -33.14 -1.40
C ALA A 351 -9.27 -33.09 0.02
N LEU A 352 -8.53 -32.42 0.90
CA LEU A 352 -8.93 -32.27 2.30
C LEU A 352 -10.21 -31.47 2.43
N SER A 367 -16.47 -23.58 -5.85
CA SER A 367 -16.32 -22.56 -6.87
C SER A 367 -15.50 -21.38 -6.36
N ILE A 368 -15.05 -20.52 -7.28
CA ILE A 368 -14.24 -19.36 -6.93
C ILE A 368 -15.09 -18.11 -6.72
N PHE A 369 -16.29 -18.10 -7.31
CA PHE A 369 -17.17 -16.94 -7.20
C PHE A 369 -17.91 -16.92 -5.87
N ILE A 370 -18.09 -15.71 -5.35
CA ILE A 370 -18.96 -15.51 -4.19
C ILE A 370 -20.38 -15.23 -4.67
N THR A 371 -21.30 -16.12 -4.33
CA THR A 371 -22.68 -15.99 -4.76
C THR A 371 -23.39 -14.98 -3.88
N PRO A 372 -23.89 -13.88 -4.48
CA PRO A 372 -24.53 -12.80 -3.73
C PRO A 372 -25.89 -13.21 -3.19
N GLU A 373 -26.14 -12.93 -1.91
CA GLU A 373 -27.44 -13.23 -1.32
C GLU A 373 -28.55 -12.45 -2.03
N THR A 374 -29.56 -13.18 -2.51
CA THR A 374 -30.57 -12.61 -3.37
C THR A 374 -31.85 -12.25 -2.63
N GLY A 375 -31.93 -12.61 -1.36
CA GLY A 375 -33.16 -12.41 -0.60
C GLY A 375 -34.15 -13.53 -0.90
N PRO A 376 -35.33 -13.48 -0.28
CA PRO A 376 -35.79 -12.42 0.63
C PRO A 376 -35.15 -12.48 2.01
N PHE A 377 -34.99 -11.32 2.64
CA PHE A 377 -34.35 -11.22 3.95
C PHE A 377 -35.37 -11.00 5.06
N THR A 378 -34.95 -11.22 6.29
CA THR A 378 -35.79 -10.95 7.45
C THR A 378 -36.07 -9.46 7.58
N ASP A 379 -37.33 -9.10 7.82
CA ASP A 379 -37.72 -7.72 8.04
C ASP A 379 -37.13 -7.23 9.36
N PRO A 380 -36.26 -6.21 9.29
CA PRO A 380 -35.63 -5.63 10.49
C PRO A 380 -36.65 -5.04 11.46
N PHE A 381 -37.76 -4.55 10.92
CA PHE A 381 -38.85 -3.99 11.73
C PHE A 381 -39.40 -5.03 12.70
N SER A 382 -39.26 -6.31 12.34
CA SER A 382 -39.74 -7.40 13.19
C SER A 382 -38.77 -7.76 14.32
N LEU A 383 -37.65 -7.03 14.40
CA LEU A 383 -36.64 -7.32 15.40
C LEU A 383 -36.54 -6.21 16.44
N ILE A 384 -37.56 -5.36 16.46
CA ILE A 384 -37.63 -4.25 17.38
C ILE A 384 -39.05 -4.07 17.92
N LYS A 385 -39.20 -3.28 18.97
CA LYS A 385 -40.50 -3.05 19.56
C LYS A 385 -41.36 -2.20 18.63
N THR A 386 -42.66 -2.50 18.58
CA THR A 386 -43.58 -1.72 17.77
C THR A 386 -43.73 -0.31 18.32
N ARG A 387 -44.18 0.61 17.47
CA ARG A 387 -44.42 1.98 17.91
C ARG A 387 -45.65 2.05 18.81
N LYS A 388 -45.48 2.67 19.97
CA LYS A 388 -46.57 2.84 20.93
C LYS A 388 -47.63 3.77 20.35
N PHE A 389 -48.87 3.62 20.82
CA PHE A 389 -49.98 4.40 20.28
C PHE A 389 -50.79 5.09 21.37
N ASP A 390 -50.19 6.07 22.01
CA ASP A 390 -50.86 6.86 23.02
C ASP A 390 -51.92 7.77 22.40
N GLN A 391 -51.60 8.34 21.25
CA GLN A 391 -52.49 9.30 20.60
C GLN A 391 -52.43 9.23 19.08
N VAL A 392 -53.49 9.71 18.44
CA VAL A 392 -53.55 9.85 16.99
C VAL A 392 -53.99 11.26 16.64
N GLU A 393 -53.20 11.93 15.81
CA GLU A 393 -53.46 13.33 15.48
C GLU A 393 -54.30 13.46 14.22
N ALA A 394 -55.42 14.14 14.33
CA ALA A 394 -56.29 14.38 13.18
C ALA A 394 -55.71 15.49 12.31
N TYR A 395 -55.23 15.11 11.12
CA TYR A 395 -54.54 16.05 10.24
C TYR A 395 -54.61 15.59 8.80
N ILE A 396 -55.13 16.45 7.94
CA ILE A 396 -55.28 16.12 6.53
C ILE A 396 -54.70 17.26 5.70
N PRO A 397 -53.44 17.07 5.24
CA PRO A 397 -52.61 18.04 4.53
C PRO A 397 -53.40 18.96 3.61
N ALA A 398 -53.16 20.27 3.75
CA ALA A 398 -53.88 21.31 3.02
C ALA A 398 -54.04 21.02 1.53
N TRP A 399 -53.00 20.47 0.92
CA TRP A 399 -52.98 20.22 -0.52
C TRP A 399 -53.76 18.96 -0.94
N LEU A 400 -54.30 18.23 0.02
CA LEU A 400 -54.99 16.97 -0.28
C LEU A 400 -56.42 17.19 -0.77
N SER A 401 -56.83 16.33 -1.71
CA SER A 401 -58.18 16.37 -2.26
C SER A 401 -58.97 15.11 -1.89
N LEU A 402 -59.50 15.06 -0.67
CA LEU A 402 -60.31 13.95 -0.23
C LEU A 402 -61.53 14.45 0.53
N PRO A 403 -62.65 14.65 -0.19
CA PRO A 403 -63.88 15.25 0.38
C PRO A 403 -64.51 14.40 1.48
N SER A 404 -64.80 13.14 1.16
CA SER A 404 -65.49 12.25 2.10
C SER A 404 -64.63 11.97 3.33
N THR A 405 -63.36 11.67 3.10
CA THR A 405 -62.44 11.38 4.19
C THR A 405 -62.29 12.60 5.10
N LYS A 406 -62.16 13.78 4.50
CA LYS A 406 -62.04 15.00 5.28
C LYS A 406 -63.31 15.26 6.08
N ARG A 407 -64.45 14.89 5.49
CA ARG A 407 -65.74 15.02 6.16
C ARG A 407 -65.77 14.13 7.40
N ILE A 408 -65.31 12.90 7.24
CA ILE A 408 -65.25 11.94 8.35
C ILE A 408 -64.32 12.41 9.47
N VAL A 409 -63.09 12.75 9.11
CA VAL A 409 -62.08 13.18 10.07
C VAL A 409 -62.52 14.46 10.79
N ASP A 410 -63.15 15.38 10.05
CA ASP A 410 -63.64 16.61 10.65
C ASP A 410 -64.79 16.35 11.61
N LEU A 411 -65.70 15.44 11.25
CA LEU A 411 -66.79 15.08 12.16
C LEU A 411 -66.24 14.47 13.45
N VAL A 412 -65.35 13.50 13.31
CA VAL A 412 -64.71 12.88 14.46
C VAL A 412 -64.01 13.93 15.33
N ALA A 413 -63.30 14.84 14.68
CA ALA A 413 -62.59 15.91 15.37
C ALA A 413 -63.54 16.80 16.17
N GLN A 414 -64.68 17.12 15.56
CA GLN A 414 -65.74 17.88 16.23
C GLN A 414 -66.18 17.15 17.49
N GLN A 415 -66.44 15.85 17.32
CA GLN A 415 -66.90 15.01 18.42
C GLN A 415 -65.90 14.98 19.57
N VAL A 416 -64.61 14.93 19.25
CA VAL A 416 -63.57 14.98 20.29
C VAL A 416 -63.49 16.36 20.94
N VAL A 417 -63.68 17.41 20.15
CA VAL A 417 -63.68 18.78 20.67
C VAL A 417 -64.79 18.96 21.70
N GLN A 418 -65.96 18.41 21.40
CA GLN A 418 -67.09 18.49 22.31
C GLN A 418 -66.79 17.81 23.65
N ASP A 419 -66.35 16.55 23.59
CA ASP A 419 -65.95 15.82 24.79
C ASP A 419 -64.66 16.37 25.40
N ILE B 12 -79.50 3.88 12.97
CA ILE B 12 -78.07 3.72 13.18
C ILE B 12 -77.79 3.08 14.54
N PRO B 13 -76.86 2.12 14.57
CA PRO B 13 -76.48 1.37 15.78
C PRO B 13 -75.84 2.23 16.85
N CYS B 14 -75.85 1.75 18.09
CA CYS B 14 -75.17 2.41 19.19
C CYS B 14 -73.67 2.38 18.97
N PRO B 15 -72.98 3.49 19.29
CA PRO B 15 -71.54 3.61 19.06
C PRO B 15 -70.70 2.95 20.16
N LYS B 16 -69.77 2.08 19.75
CA LYS B 16 -68.85 1.44 20.68
C LYS B 16 -67.74 2.41 21.08
N THR B 17 -66.89 1.99 22.01
CA THR B 17 -65.76 2.81 22.43
C THR B 17 -64.76 3.00 21.29
N ARG B 18 -64.36 4.25 21.05
CA ARG B 18 -63.43 4.55 19.97
C ARG B 18 -62.01 4.11 20.32
N LEU B 19 -61.46 3.21 19.51
CA LEU B 19 -60.13 2.66 19.75
C LEU B 19 -59.04 3.73 19.66
N ALA B 20 -58.98 4.41 18.53
CA ALA B 20 -57.98 5.46 18.32
C ALA B 20 -58.26 6.67 19.22
N ARG B 21 -57.27 7.04 20.02
CA ARG B 21 -57.43 8.19 20.91
C ARG B 21 -57.10 9.48 20.16
N VAL B 22 -58.10 9.98 19.44
CA VAL B 22 -57.97 11.13 18.54
C VAL B 22 -57.61 12.41 19.27
N SER B 23 -56.54 13.06 18.84
CA SER B 23 -56.08 14.31 19.44
C SER B 23 -56.43 15.51 18.58
N VAL B 24 -56.78 16.62 19.24
CA VAL B 24 -57.18 17.85 18.55
C VAL B 24 -55.98 18.55 17.93
N LEU B 25 -56.24 19.47 17.01
CA LEU B 25 -55.17 20.22 16.35
C LEU B 25 -55.68 21.55 15.79
N ASP B 26 -54.85 22.58 15.85
CA ASP B 26 -55.23 23.92 15.40
C ASP B 26 -54.09 24.65 14.69
N LEU B 27 -54.45 25.61 13.85
CA LEU B 27 -53.47 26.39 13.09
C LEU B 27 -53.71 27.88 13.26
N THR C 17 -58.07 -10.48 2.24
CA THR C 17 -56.65 -10.14 2.41
C THR C 17 -55.78 -11.39 2.35
N ARG C 18 -55.34 -11.86 3.51
CA ARG C 18 -54.51 -13.06 3.63
C ARG C 18 -53.27 -12.97 2.73
N LEU C 19 -52.53 -11.88 2.87
CA LEU C 19 -51.42 -11.57 1.97
C LEU C 19 -50.30 -12.61 2.01
N ALA C 20 -49.77 -12.94 0.84
CA ALA C 20 -48.70 -13.92 0.72
C ALA C 20 -47.35 -13.22 0.71
N ARG C 21 -46.41 -13.74 1.51
CA ARG C 21 -45.07 -13.19 1.58
C ARG C 21 -44.33 -13.44 0.28
N VAL C 22 -43.41 -12.55 -0.07
CA VAL C 22 -42.70 -12.64 -1.33
C VAL C 22 -41.64 -13.75 -1.30
N SER C 23 -41.48 -14.41 -2.44
CA SER C 23 -40.51 -15.50 -2.57
C SER C 23 -39.30 -15.04 -3.36
N VAL C 24 -38.39 -15.98 -3.63
CA VAL C 24 -37.22 -15.69 -4.43
C VAL C 24 -37.59 -15.37 -5.88
N LEU C 25 -38.54 -16.13 -6.42
CA LEU C 25 -38.97 -15.96 -7.80
C LEU C 25 -39.63 -14.60 -8.02
N ASP C 26 -40.39 -14.14 -7.03
CA ASP C 26 -41.03 -12.83 -7.10
C ASP C 26 -39.99 -11.73 -7.16
N LEU C 27 -38.98 -11.82 -6.30
CA LEU C 27 -37.87 -10.88 -6.28
C LEU C 27 -37.11 -10.89 -7.60
N LYS C 28 -36.97 -12.08 -8.19
CA LYS C 28 -36.34 -12.20 -9.51
C LYS C 28 -37.20 -11.55 -10.59
N LYS C 29 -38.51 -11.61 -10.45
CA LYS C 29 -39.41 -10.92 -11.36
C LYS C 29 -39.22 -9.40 -11.23
N ILE C 30 -39.05 -8.93 -10.00
CA ILE C 30 -38.86 -7.51 -9.73
C ILE C 30 -37.51 -7.03 -10.27
N GLU C 31 -36.50 -7.91 -10.24
CA GLU C 31 -35.16 -7.57 -10.70
C GLU C 31 -35.15 -7.09 -12.14
N GLU C 32 -35.89 -7.79 -12.99
CA GLU C 32 -35.87 -7.53 -14.44
C GLU C 32 -36.92 -6.51 -14.85
N GLN C 33 -37.42 -5.75 -13.88
CA GLN C 33 -38.34 -4.64 -14.13
C GLN C 33 -37.68 -3.59 -15.02
N PRO C 34 -38.42 -3.08 -16.04
CA PRO C 34 -37.91 -2.05 -16.94
C PRO C 34 -37.49 -0.77 -16.21
N ASN D 5 74.23 -2.49 -29.09
CA ASN D 5 74.56 -3.73 -28.40
C ASN D 5 73.88 -3.83 -27.03
N ALA D 6 73.98 -5.00 -26.42
CA ALA D 6 73.26 -5.28 -25.18
C ALA D 6 73.90 -4.63 -23.95
N THR D 7 75.23 -4.59 -23.93
CA THR D 7 75.94 -4.10 -22.75
C THR D 7 75.85 -2.58 -22.63
N GLN D 8 75.73 -1.91 -23.76
CA GLN D 8 75.51 -0.46 -23.76
C GLN D 8 74.16 -0.13 -23.14
N ILE D 9 73.12 -0.77 -23.65
CA ILE D 9 71.75 -0.60 -23.16
C ILE D 9 71.67 -0.93 -21.68
N ASN D 10 72.26 -2.06 -21.29
CA ASN D 10 72.27 -2.44 -19.87
C ASN D 10 73.04 -1.45 -19.01
N GLU D 11 74.08 -0.86 -19.57
CA GLU D 11 74.90 0.11 -18.84
C GLU D 11 74.09 1.39 -18.56
N GLU D 12 73.55 1.98 -19.63
CA GLU D 12 72.73 3.18 -19.46
C GLU D 12 71.54 2.89 -18.56
N LEU D 13 70.95 1.70 -18.71
CA LEU D 13 69.88 1.26 -17.83
C LEU D 13 70.31 1.27 -16.37
N TYR D 14 71.49 0.75 -16.09
CA TYR D 14 72.00 0.71 -14.72
C TYR D 14 72.18 2.11 -14.16
N ARG D 15 72.88 2.94 -14.94
CA ARG D 15 73.13 4.33 -14.55
C ARG D 15 71.84 5.10 -14.28
N LEU D 16 70.81 4.88 -15.10
CA LEU D 16 69.51 5.50 -14.91
C LEU D 16 68.79 4.99 -13.67
N LEU D 17 68.86 3.68 -13.46
CA LEU D 17 68.13 3.03 -12.37
C LEU D 17 68.72 3.30 -10.99
N GLU D 18 70.03 3.43 -10.88
CA GLU D 18 70.63 3.68 -9.57
C GLU D 18 70.47 5.15 -9.16
N ASP D 19 70.20 6.00 -10.14
CA ASP D 19 69.90 7.41 -9.90
C ASP D 19 68.49 7.56 -9.31
N THR D 20 68.36 7.34 -8.02
CA THR D 20 67.05 7.37 -7.36
C THR D 20 66.42 8.74 -7.22
N GLU D 21 67.24 9.77 -7.05
CA GLU D 21 66.74 11.11 -6.76
C GLU D 21 65.95 11.71 -7.92
N ILE D 22 66.30 11.35 -9.14
CA ILE D 22 65.56 11.81 -10.31
C ILE D 22 64.32 10.96 -10.55
N LEU D 23 64.50 9.64 -10.44
CA LEU D 23 63.44 8.70 -10.75
C LEU D 23 62.27 8.83 -9.79
N ASN D 24 62.59 8.99 -8.51
CA ASN D 24 61.59 9.17 -7.46
C ASN D 24 60.80 10.46 -7.63
N GLN D 25 61.52 11.55 -7.92
CA GLN D 25 60.90 12.85 -8.17
C GLN D 25 59.94 12.73 -9.35
N GLU D 26 60.45 12.25 -10.47
CA GLU D 26 59.65 12.05 -11.68
C GLU D 26 58.39 11.22 -11.41
N ILE D 27 58.55 10.09 -10.72
CA ILE D 27 57.42 9.22 -10.45
C ILE D 27 56.38 9.87 -9.54
N THR D 28 56.82 10.31 -8.36
CA THR D 28 55.90 10.86 -7.38
C THR D 28 55.27 12.19 -7.79
N GLU D 29 55.90 12.90 -8.72
CA GLU D 29 55.39 14.21 -9.10
C GLU D 29 54.65 14.21 -10.43
N GLY D 30 55.26 13.61 -11.45
CA GLY D 30 54.68 13.63 -12.79
C GLY D 30 53.68 12.53 -13.05
N LEU D 31 53.90 11.36 -12.45
CA LEU D 31 53.04 10.21 -12.69
C LEU D 31 51.95 10.06 -11.64
N LEU D 32 52.35 10.12 -10.37
CA LEU D 32 51.42 9.90 -9.27
C LEU D 32 50.62 11.15 -8.94
N LYS D 33 51.28 12.19 -8.43
CA LYS D 33 50.58 13.44 -8.12
C LYS D 33 50.09 14.14 -9.37
N GLY D 34 50.81 13.94 -10.48
CA GLY D 34 50.42 14.52 -11.75
C GLY D 34 49.61 13.55 -12.59
N PHE D 35 48.81 12.73 -11.91
CA PHE D 35 47.98 11.75 -12.60
C PHE D 35 46.82 12.43 -13.31
N GLU D 36 46.61 12.06 -14.57
CA GLU D 36 45.44 12.56 -15.29
C GLU D 36 44.53 11.40 -15.70
N VAL D 37 43.44 11.24 -14.95
CA VAL D 37 42.43 10.26 -15.30
C VAL D 37 41.66 10.81 -16.49
N PRO D 38 41.27 9.93 -17.43
CA PRO D 38 40.45 10.36 -18.57
C PRO D 38 39.23 11.18 -18.15
N ASP D 39 39.29 12.48 -18.41
CA ASP D 39 38.22 13.41 -18.02
C ASP D 39 37.09 13.39 -19.05
N ALA D 40 37.17 12.45 -19.98
CA ALA D 40 36.15 12.28 -21.00
C ALA D 40 34.79 12.02 -20.37
N GLY D 41 34.79 11.24 -19.29
CA GLY D 41 33.56 10.87 -18.61
C GLY D 41 33.55 9.40 -18.18
N VAL D 42 32.74 9.10 -17.19
CA VAL D 42 32.72 7.77 -16.58
C VAL D 42 32.10 6.70 -17.49
N ALA D 43 31.10 7.08 -18.26
CA ALA D 43 30.37 6.15 -19.11
C ALA D 43 31.17 5.64 -20.32
N ILE D 44 32.30 6.28 -20.59
CA ILE D 44 33.06 6.00 -21.80
C ILE D 44 34.10 4.91 -21.62
N GLN D 45 33.93 3.80 -22.34
CA GLN D 45 34.80 2.64 -22.20
C GLN D 45 36.23 2.92 -22.66
N LEU D 46 37.18 2.29 -21.98
CA LEU D 46 38.60 2.42 -22.30
C LEU D 46 39.26 1.06 -22.44
N SER D 47 40.44 1.05 -23.05
CA SER D 47 41.30 -0.11 -22.99
C SER D 47 42.02 -0.07 -21.64
N LYS D 48 42.37 -1.23 -21.11
CA LYS D 48 43.12 -1.30 -19.84
C LYS D 48 44.39 -0.45 -19.91
N ARG D 49 44.97 -0.38 -21.10
CA ARG D 49 46.19 0.39 -21.36
C ARG D 49 46.14 1.83 -20.85
N ASP D 50 45.01 2.50 -21.09
CA ASP D 50 44.85 3.90 -20.70
C ASP D 50 44.35 4.06 -19.26
N VAL D 51 44.02 2.95 -18.62
CA VAL D 51 43.58 2.98 -17.23
C VAL D 51 44.73 2.75 -16.25
N VAL D 52 45.52 1.71 -16.50
CA VAL D 52 46.55 1.31 -15.55
C VAL D 52 47.97 1.59 -16.04
N TYR D 53 48.13 2.65 -16.84
CA TYR D 53 49.47 3.02 -17.30
C TYR D 53 50.45 3.37 -16.16
N PRO D 54 49.98 4.03 -15.07
CA PRO D 54 51.00 4.31 -14.05
C PRO D 54 51.52 3.03 -13.39
N ALA D 55 50.63 2.09 -13.15
CA ALA D 55 51.01 0.85 -12.50
C ALA D 55 51.93 0.02 -13.39
N ARG D 56 51.63 -0.03 -14.69
CA ARG D 56 52.46 -0.81 -15.61
C ARG D 56 53.83 -0.17 -15.78
N ILE D 57 53.87 1.16 -15.83
CA ILE D 57 55.14 1.87 -15.84
C ILE D 57 55.96 1.52 -14.59
N LEU D 58 55.33 1.63 -13.42
CA LEU D 58 55.97 1.26 -12.16
C LEU D 58 56.47 -0.18 -12.16
N ILE D 59 55.72 -1.06 -12.81
CA ILE D 59 56.07 -2.48 -12.86
C ILE D 59 57.31 -2.70 -13.74
N ILE D 60 57.36 -2.01 -14.88
CA ILE D 60 58.53 -2.15 -15.75
C ILE D 60 59.77 -1.61 -15.05
N VAL D 61 59.63 -0.43 -14.44
CA VAL D 61 60.75 0.17 -13.70
C VAL D 61 61.22 -0.72 -12.56
N LEU D 62 60.27 -1.24 -11.79
CA LEU D 62 60.60 -2.10 -10.65
C LEU D 62 61.27 -3.40 -11.07
N SER D 63 60.71 -4.05 -12.08
CA SER D 63 61.27 -5.30 -12.59
C SER D 63 62.65 -5.08 -13.16
N GLU D 64 62.90 -3.91 -13.76
CA GLU D 64 64.23 -3.64 -14.29
C GLU D 64 65.21 -3.32 -13.17
N MET D 65 64.72 -2.70 -12.09
CA MET D 65 65.56 -2.53 -10.90
C MET D 65 65.97 -3.89 -10.32
N TRP D 66 64.99 -4.77 -10.17
CA TRP D 66 65.25 -6.11 -9.63
C TRP D 66 66.12 -6.94 -10.56
N ARG D 67 66.10 -6.61 -11.85
CA ARG D 67 66.96 -7.27 -12.84
C ARG D 67 68.44 -7.03 -12.51
N PHE D 68 68.75 -5.81 -12.10
CA PHE D 68 70.13 -5.45 -11.74
C PHE D 68 70.38 -5.49 -10.23
N GLY D 69 69.62 -6.30 -9.52
CA GLY D 69 69.79 -6.47 -8.08
C GLY D 69 69.75 -5.22 -7.21
N LEU D 70 69.17 -4.14 -7.73
CA LEU D 70 69.04 -2.90 -6.96
C LEU D 70 67.90 -2.96 -5.95
N THR D 71 68.10 -3.69 -4.86
CA THR D 71 67.05 -3.93 -3.87
C THR D 71 66.69 -2.68 -3.04
N LYS D 72 67.71 -1.98 -2.55
CA LYS D 72 67.51 -0.76 -1.76
C LYS D 72 66.77 0.33 -2.52
N GLN D 73 67.21 0.55 -3.76
CA GLN D 73 66.60 1.50 -4.66
C GLN D 73 65.12 1.22 -4.77
N SER D 74 64.80 -0.05 -4.98
CA SER D 74 63.42 -0.51 -5.10
C SER D 74 62.65 -0.28 -3.80
N GLU D 75 63.29 -0.51 -2.66
CA GLU D 75 62.68 -0.25 -1.37
C GLU D 75 62.23 1.20 -1.23
N SER D 76 63.16 2.13 -1.41
CA SER D 76 62.82 3.55 -1.29
C SER D 76 61.73 3.94 -2.29
N PHE D 77 61.98 3.57 -3.55
CA PHE D 77 61.07 3.77 -4.67
C PHE D 77 59.63 3.41 -4.32
N LEU D 78 59.44 2.18 -3.83
CA LEU D 78 58.11 1.65 -3.57
C LEU D 78 57.50 2.20 -2.28
N ALA D 79 58.35 2.54 -1.31
CA ALA D 79 57.88 3.22 -0.11
C ALA D 79 57.21 4.52 -0.50
N GLN D 80 57.93 5.31 -1.29
CA GLN D 80 57.41 6.58 -1.76
C GLN D 80 56.19 6.38 -2.65
N VAL D 81 56.17 5.31 -3.44
CA VAL D 81 54.99 4.99 -4.24
C VAL D 81 53.74 4.77 -3.38
N LEU D 82 53.85 3.88 -2.40
CA LEU D 82 52.73 3.58 -1.49
C LEU D 82 52.24 4.85 -0.79
N THR D 83 53.18 5.56 -0.17
CA THR D 83 52.84 6.77 0.58
C THR D 83 52.15 7.80 -0.32
N THR D 84 52.74 8.04 -1.48
CA THR D 84 52.19 9.00 -2.42
C THR D 84 50.79 8.61 -2.88
N ILE D 85 50.57 7.34 -3.20
CA ILE D 85 49.26 6.91 -3.65
C ILE D 85 48.20 7.10 -2.57
N GLN D 86 48.48 6.60 -1.36
CA GLN D 86 47.53 6.76 -0.26
C GLN D 86 47.23 8.24 0.01
N LYS D 87 48.27 9.06 -0.05
CA LYS D 87 48.12 10.49 0.19
C LYS D 87 47.25 11.15 -0.88
N VAL D 88 47.46 10.76 -2.13
CA VAL D 88 46.67 11.26 -3.25
C VAL D 88 45.19 10.89 -3.09
N VAL D 89 44.92 9.64 -2.76
CA VAL D 89 43.53 9.20 -2.58
C VAL D 89 42.87 9.91 -1.40
N THR D 90 43.63 10.14 -0.34
CA THR D 90 43.10 10.82 0.85
C THR D 90 42.65 12.26 0.57
N GLN D 91 43.27 12.92 -0.41
CA GLN D 91 42.98 14.34 -0.66
C GLN D 91 41.92 14.59 -1.73
N LEU D 92 41.31 13.53 -2.24
CA LEU D 92 40.30 13.65 -3.28
C LEU D 92 39.02 14.30 -2.76
N LYS D 93 38.39 15.12 -3.60
CA LYS D 93 37.08 15.70 -3.31
C LYS D 93 36.43 16.25 -4.57
N GLY D 94 35.12 16.45 -4.52
CA GLY D 94 34.39 17.06 -5.63
C GLY D 94 34.06 16.12 -6.76
N ASN D 95 33.89 16.69 -7.96
CA ASN D 95 33.50 15.93 -9.14
C ASN D 95 34.50 14.85 -9.51
N ASP D 96 35.70 14.96 -8.97
CA ASP D 96 36.76 14.00 -9.27
C ASP D 96 36.76 12.82 -8.31
N LEU D 97 35.88 12.83 -7.31
CA LEU D 97 35.87 11.78 -6.29
C LEU D 97 35.71 10.39 -6.88
N ILE D 98 34.63 10.17 -7.61
CA ILE D 98 34.36 8.87 -8.21
C ILE D 98 35.41 8.44 -9.25
N PRO D 99 35.69 9.28 -10.27
CA PRO D 99 36.62 8.78 -11.29
C PRO D 99 38.04 8.53 -10.77
N SER D 100 38.54 9.38 -9.87
CA SER D 100 39.91 9.28 -9.41
C SER D 100 40.13 8.03 -8.55
N GLY D 101 39.30 7.87 -7.53
CA GLY D 101 39.42 6.75 -6.61
C GLY D 101 39.51 5.44 -7.37
N VAL D 102 38.50 5.19 -8.21
CA VAL D 102 38.45 3.97 -9.02
C VAL D 102 39.75 3.80 -9.80
N PHE D 103 40.21 4.90 -10.40
CA PHE D 103 41.45 4.92 -11.17
C PHE D 103 42.56 4.30 -10.32
N TRP D 104 42.73 4.83 -9.12
CA TRP D 104 43.80 4.35 -8.26
C TRP D 104 43.50 2.92 -7.82
N LEU D 105 42.23 2.63 -7.59
CA LEU D 105 41.82 1.28 -7.23
C LEU D 105 42.25 0.32 -8.33
N ALA D 106 42.21 0.79 -9.57
CA ALA D 106 42.65 -0.07 -10.65
C ALA D 106 44.16 -0.29 -10.50
N ASN D 107 44.88 0.81 -10.33
CA ASN D 107 46.33 0.78 -10.43
C ASN D 107 46.95 -0.04 -9.31
N VAL D 108 46.49 0.20 -8.09
CA VAL D 108 46.95 -0.59 -6.95
C VAL D 108 46.68 -2.06 -7.24
N ARG D 109 45.50 -2.34 -7.81
CA ARG D 109 45.14 -3.71 -8.08
C ARG D 109 46.11 -4.30 -9.11
N GLU D 110 46.54 -3.46 -10.04
CA GLU D 110 47.50 -3.89 -11.03
C GLU D 110 48.87 -4.12 -10.41
N LEU D 111 49.22 -3.30 -9.42
CA LEU D 111 50.54 -3.40 -8.80
C LEU D 111 50.62 -4.64 -7.93
N TYR D 112 49.66 -4.75 -7.01
CA TYR D 112 49.54 -5.89 -6.11
C TYR D 112 49.66 -7.21 -6.87
N SER D 113 48.81 -7.37 -7.88
CA SER D 113 48.78 -8.59 -8.69
C SER D 113 50.14 -8.95 -9.27
N PHE D 114 50.97 -7.94 -9.53
CA PHE D 114 52.30 -8.19 -10.05
C PHE D 114 53.25 -8.62 -8.94
N VAL D 115 53.20 -7.92 -7.81
CA VAL D 115 54.08 -8.24 -6.69
C VAL D 115 53.88 -9.68 -6.31
N VAL D 116 52.61 -10.04 -6.16
CA VAL D 116 52.19 -11.42 -5.95
C VAL D 116 52.83 -12.31 -7.00
N PHE D 117 52.60 -11.96 -8.27
CA PHE D 117 53.15 -12.70 -9.40
C PHE D 117 54.67 -12.83 -9.31
N ALA D 118 55.31 -11.82 -8.72
CA ALA D 118 56.76 -11.86 -8.56
C ALA D 118 57.11 -12.90 -7.52
N LEU D 119 56.46 -12.81 -6.37
CA LEU D 119 56.80 -13.67 -5.23
C LEU D 119 56.76 -15.12 -5.66
N ASN D 120 55.62 -15.50 -6.24
CA ASN D 120 55.40 -16.85 -6.75
C ASN D 120 56.57 -17.30 -7.61
N SER D 121 57.01 -16.43 -8.52
CA SER D 121 58.13 -16.77 -9.39
C SER D 121 59.40 -17.01 -8.58
N ILE D 122 59.72 -16.06 -7.69
CA ILE D 122 60.97 -16.09 -6.93
C ILE D 122 61.10 -17.37 -6.11
N LEU D 123 59.97 -17.90 -5.66
CA LEU D 123 59.98 -19.10 -4.86
C LEU D 123 59.93 -20.35 -5.72
N THR D 124 59.34 -20.23 -6.91
CA THR D 124 59.04 -21.41 -7.71
C THR D 124 60.13 -21.73 -8.72
N GLU D 125 60.56 -20.73 -9.46
CA GLU D 125 61.53 -20.97 -10.53
C GLU D 125 62.96 -20.77 -10.03
N GLU D 126 63.77 -21.80 -10.20
CA GLU D 126 65.12 -21.86 -9.65
C GLU D 126 66.07 -20.85 -10.31
N THR D 127 65.76 -20.49 -11.55
CA THR D 127 66.58 -19.56 -12.32
C THR D 127 66.90 -18.26 -11.57
N PHE D 128 65.99 -17.83 -10.70
CA PHE D 128 66.17 -16.58 -9.97
C PHE D 128 67.15 -16.69 -8.81
N LYS D 129 67.82 -17.84 -8.70
CA LYS D 129 68.83 -18.05 -7.67
C LYS D 129 70.24 -18.05 -8.26
N ASN D 130 70.31 -18.01 -9.58
CA ASN D 130 71.57 -18.21 -10.30
C ASN D 130 72.65 -17.17 -9.98
N GLY D 131 72.30 -15.89 -10.08
CA GLY D 131 73.27 -14.83 -10.00
C GLY D 131 73.47 -14.19 -8.64
N MET D 132 72.87 -14.76 -7.60
CA MET D 132 72.95 -14.16 -6.27
C MET D 132 73.29 -15.18 -5.17
N THR D 133 73.83 -14.67 -4.07
CA THR D 133 74.17 -15.49 -2.91
C THR D 133 72.91 -15.92 -2.17
N ASP D 134 73.09 -16.78 -1.18
CA ASP D 134 71.97 -17.35 -0.44
C ASP D 134 71.18 -16.28 0.35
N GLU D 135 71.90 -15.37 0.99
CA GLU D 135 71.26 -14.42 1.89
C GLU D 135 70.73 -13.20 1.14
N GLU D 136 71.31 -12.94 -0.02
CA GLU D 136 70.78 -11.91 -0.93
C GLU D 136 69.42 -12.36 -1.44
N TYR D 137 69.32 -13.65 -1.78
CA TYR D 137 68.06 -14.26 -2.16
C TYR D 137 67.07 -14.25 -0.98
N LYS D 138 67.58 -14.55 0.21
CA LYS D 138 66.78 -14.54 1.42
C LYS D 138 66.12 -13.19 1.64
N GLU D 139 66.93 -12.13 1.61
CA GLU D 139 66.45 -10.77 1.82
C GLU D 139 65.60 -10.31 0.66
N TYR D 140 65.83 -10.89 -0.51
CA TYR D 140 65.02 -10.61 -1.69
C TYR D 140 63.58 -11.10 -1.48
N VAL D 141 63.46 -12.38 -1.12
CA VAL D 141 62.18 -13.00 -0.79
C VAL D 141 61.49 -12.22 0.32
N SER D 142 62.26 -11.89 1.37
CA SER D 142 61.74 -11.10 2.49
C SER D 142 61.12 -9.79 2.00
N LEU D 143 61.88 -9.09 1.16
CA LEU D 143 61.47 -7.83 0.57
C LEU D 143 60.16 -7.95 -0.20
N VAL D 144 60.13 -8.86 -1.17
CA VAL D 144 58.94 -8.99 -2.02
C VAL D 144 57.71 -9.39 -1.20
N THR D 145 57.91 -10.26 -0.21
CA THR D 145 56.84 -10.66 0.70
C THR D 145 56.26 -9.45 1.45
N GLU D 146 57.15 -8.69 2.08
CA GLU D 146 56.71 -7.53 2.84
C GLU D 146 56.01 -6.54 1.92
N LEU D 147 56.45 -6.50 0.67
CA LEU D 147 55.83 -5.63 -0.32
C LEU D 147 54.40 -6.09 -0.65
N LYS D 148 54.22 -7.41 -0.76
CA LYS D 148 52.90 -7.97 -0.98
C LYS D 148 51.96 -7.56 0.15
N ASP D 149 52.41 -7.79 1.39
CA ASP D 149 51.58 -7.39 2.54
C ASP D 149 51.26 -5.89 2.53
N ASP D 150 52.26 -5.08 2.21
CA ASP D 150 52.09 -3.63 2.17
C ASP D 150 51.10 -3.18 1.10
N PHE D 151 51.05 -3.90 -0.02
CA PHE D 151 50.09 -3.56 -1.06
C PHE D 151 48.69 -4.04 -0.69
N GLU D 152 48.61 -5.15 0.05
CA GLU D 152 47.32 -5.54 0.66
C GLU D 152 46.80 -4.38 1.51
N ALA D 153 47.66 -3.91 2.40
CA ALA D 153 47.34 -2.78 3.28
C ALA D 153 46.93 -1.54 2.48
N LEU D 154 47.67 -1.23 1.42
CA LEU D 154 47.37 -0.04 0.61
C LEU D 154 46.00 -0.14 -0.07
N SER D 155 45.75 -1.29 -0.69
CA SER D 155 44.45 -1.55 -1.32
C SER D 155 43.31 -1.36 -0.32
N TYR D 156 43.44 -2.04 0.82
CA TYR D 156 42.48 -1.92 1.91
C TYR D 156 42.23 -0.46 2.29
N ASN D 157 43.34 0.26 2.49
CA ASN D 157 43.29 1.66 2.92
C ASN D 157 42.59 2.59 1.94
N ILE D 158 43.01 2.58 0.68
CA ILE D 158 42.41 3.51 -0.28
C ILE D 158 40.98 3.12 -0.58
N TYR D 159 40.68 1.82 -0.54
CA TYR D 159 39.29 1.39 -0.70
C TYR D 159 38.43 1.97 0.41
N ASN D 160 38.83 1.79 1.67
CA ASN D 160 38.00 2.28 2.77
C ASN D 160 37.92 3.80 2.83
N ILE D 161 39.01 4.48 2.50
CA ILE D 161 39.02 5.93 2.49
C ILE D 161 38.07 6.46 1.43
N TRP D 162 38.22 5.93 0.22
CA TRP D 162 37.37 6.33 -0.90
C TRP D 162 35.89 6.04 -0.61
N LEU D 163 35.61 4.87 -0.07
CA LEU D 163 34.23 4.49 0.26
C LEU D 163 33.66 5.44 1.32
N LYS D 164 34.49 5.85 2.28
CA LYS D 164 34.06 6.79 3.30
C LYS D 164 33.73 8.14 2.68
N LYS D 165 34.57 8.57 1.74
CA LYS D 165 34.32 9.81 1.01
C LYS D 165 33.01 9.74 0.23
N LEU D 166 32.75 8.58 -0.36
CA LEU D 166 31.50 8.36 -1.08
C LEU D 166 30.31 8.49 -0.15
N GLN D 167 30.41 7.87 1.02
CA GLN D 167 29.39 8.02 2.05
C GLN D 167 29.16 9.50 2.37
N LYS D 168 30.26 10.24 2.52
CA LYS D 168 30.18 11.67 2.80
C LYS D 168 29.45 12.44 1.70
N GLN D 169 29.72 12.11 0.44
CA GLN D 169 29.09 12.79 -0.68
C GLN D 169 27.62 12.42 -0.84
N LEU D 170 27.26 11.21 -0.42
CA LEU D 170 25.87 10.76 -0.46
C LEU D 170 25.04 11.40 0.65
N GLN D 171 25.65 11.51 1.84
CA GLN D 171 25.04 12.08 3.05
C GLN D 171 24.02 13.18 2.84
N LYS D 172 24.44 14.27 2.19
CA LYS D 172 23.58 15.43 1.98
C LYS D 172 22.44 15.15 1.02
N LYS D 173 22.80 14.71 -0.18
CA LYS D 173 21.85 14.45 -1.26
C LYS D 173 20.75 13.46 -0.87
N ALA D 174 21.12 12.39 -0.19
CA ALA D 174 20.22 11.26 0.03
C ALA D 174 19.05 11.59 0.95
N ILE D 175 19.31 12.36 2.00
CA ILE D 175 18.27 12.69 2.97
C ILE D 175 17.19 13.56 2.35
N ASN D 176 17.61 14.57 1.60
CA ASN D 176 16.66 15.45 0.94
C ASN D 176 15.94 14.73 -0.19
N ALA D 177 16.67 13.90 -0.92
CA ALA D 177 16.11 13.22 -2.09
C ALA D 177 15.13 12.10 -1.73
N VAL D 178 15.39 11.41 -0.63
CA VAL D 178 14.60 10.23 -0.29
C VAL D 178 13.48 10.55 0.70
N VAL D 179 13.80 11.34 1.71
CA VAL D 179 12.84 11.64 2.78
C VAL D 179 11.94 12.84 2.47
N ILE D 180 12.54 13.93 2.01
CA ILE D 180 11.82 15.20 1.85
C ILE D 180 11.26 15.41 0.44
N SER D 181 11.93 14.87 -0.57
CA SER D 181 11.52 15.07 -1.96
C SER D 181 10.13 14.53 -2.25
N GLU D 182 9.37 15.29 -3.04
CA GLU D 182 8.01 14.92 -3.41
C GLU D 182 7.88 14.72 -4.91
N SER D 183 7.83 13.46 -5.34
CA SER D 183 7.67 13.14 -6.74
C SER D 183 6.25 13.42 -7.23
N GLU D 199 18.37 22.12 -3.94
CA GLU D 199 17.53 21.02 -3.52
C GLU D 199 17.77 19.76 -4.37
N TYR D 200 17.83 18.61 -3.71
CA TYR D 200 18.10 17.36 -4.40
C TYR D 200 16.86 16.51 -4.60
N THR D 201 16.84 15.76 -5.70
CA THR D 201 15.76 14.81 -5.99
C THR D 201 16.34 13.41 -6.19
N MET D 202 15.50 12.45 -6.56
CA MET D 202 15.97 11.08 -6.76
C MET D 202 16.88 10.94 -7.98
N ASP D 203 16.70 11.83 -8.95
CA ASP D 203 17.53 11.84 -10.14
C ASP D 203 18.99 12.07 -9.80
N ASP D 204 19.24 12.83 -8.74
CA ASP D 204 20.60 13.09 -8.29
C ASP D 204 21.26 11.82 -7.74
N ILE D 205 20.53 11.13 -6.86
CA ILE D 205 20.98 9.85 -6.31
C ILE D 205 21.26 8.84 -7.42
N LEU D 206 20.26 8.66 -8.28
CA LEU D 206 20.39 7.76 -9.42
C LEU D 206 21.57 8.13 -10.30
N THR D 207 21.84 9.43 -10.43
CA THR D 207 22.97 9.89 -11.23
C THR D 207 24.30 9.51 -10.55
N PHE D 208 24.32 9.67 -9.23
CA PHE D 208 25.47 9.25 -8.42
C PHE D 208 25.79 7.77 -8.64
N PHE D 209 24.78 6.92 -8.47
CA PHE D 209 24.99 5.49 -8.63
C PHE D 209 25.30 5.11 -10.08
N ASN D 210 24.70 5.81 -11.03
CA ASN D 210 25.01 5.63 -12.45
C ASN D 210 26.49 5.90 -12.70
N SER D 211 26.99 6.93 -12.02
CA SER D 211 28.37 7.36 -12.18
C SER D 211 29.30 6.30 -11.61
N ILE D 212 28.95 5.78 -10.44
CA ILE D 212 29.71 4.69 -9.86
C ILE D 212 29.78 3.48 -10.80
N TYR D 213 28.60 2.99 -11.19
CA TYR D 213 28.47 1.86 -12.11
C TYR D 213 29.28 2.04 -13.40
N TRP D 214 29.05 3.14 -14.11
CA TRP D 214 29.70 3.35 -15.40
C TRP D 214 31.21 3.54 -15.26
N CYS D 215 31.63 4.28 -14.24
CA CYS D 215 33.06 4.44 -13.96
C CYS D 215 33.72 3.08 -13.74
N MET D 216 33.20 2.30 -12.79
CA MET D 216 33.78 0.97 -12.53
C MET D 216 33.75 0.05 -13.75
N LYS D 217 32.70 0.18 -14.56
CA LYS D 217 32.57 -0.65 -15.75
C LYS D 217 33.64 -0.30 -16.78
N SER D 218 33.86 0.99 -16.96
CA SER D 218 34.77 1.49 -18.00
C SER D 218 36.23 1.38 -17.58
N PHE D 219 36.47 1.26 -16.28
CA PHE D 219 37.82 1.14 -15.76
C PHE D 219 38.17 -0.33 -15.48
N HIS D 220 37.39 -1.23 -16.06
CA HIS D 220 37.60 -2.68 -15.97
C HIS D 220 37.72 -3.18 -14.54
N ILE D 221 36.86 -2.67 -13.66
CA ILE D 221 36.85 -3.10 -12.27
C ILE D 221 35.96 -4.34 -12.12
N GLU D 222 36.40 -5.28 -11.29
CA GLU D 222 35.69 -6.52 -11.08
C GLU D 222 34.36 -6.30 -10.36
N ASN D 223 33.35 -7.08 -10.75
CA ASN D 223 31.96 -6.85 -10.36
C ASN D 223 31.69 -6.91 -8.85
N GLU D 224 32.37 -7.82 -8.17
CA GLU D 224 32.19 -8.00 -6.73
C GLU D 224 32.44 -6.72 -5.94
N VAL D 225 33.41 -5.93 -6.41
CA VAL D 225 33.73 -4.65 -5.81
C VAL D 225 32.56 -3.68 -5.94
N PHE D 226 31.95 -3.68 -7.11
CA PHE D 226 30.77 -2.86 -7.38
C PHE D 226 29.62 -3.25 -6.45
N HIS D 227 29.35 -4.56 -6.39
CA HIS D 227 28.31 -5.09 -5.50
CA HIS D 227 28.31 -5.09 -5.50
C HIS D 227 28.55 -4.65 -4.06
N ALA D 228 29.80 -4.73 -3.62
CA ALA D 228 30.15 -4.36 -2.25
C ALA D 228 29.93 -2.87 -1.98
N VAL D 229 30.41 -2.04 -2.90
CA VAL D 229 30.31 -0.59 -2.76
C VAL D 229 28.85 -0.14 -2.71
N VAL D 230 28.07 -0.60 -3.68
CA VAL D 230 26.67 -0.20 -3.75
C VAL D 230 25.88 -0.76 -2.56
N THR D 231 26.15 -2.01 -2.18
CA THR D 231 25.53 -2.58 -0.99
C THR D 231 25.78 -1.72 0.25
N THR D 232 27.05 -1.34 0.43
CA THR D 232 27.44 -0.54 1.59
C THR D 232 26.71 0.79 1.59
N LEU D 233 26.79 1.49 0.46
CA LEU D 233 26.13 2.79 0.33
C LEU D 233 24.62 2.72 0.55
N LEU D 234 23.99 1.67 0.03
CA LEU D 234 22.55 1.48 0.22
C LEU D 234 22.20 1.25 1.68
N ASN D 235 22.97 0.42 2.36
CA ASN D 235 22.77 0.23 3.80
C ASN D 235 22.89 1.56 4.53
N TYR D 236 23.88 2.35 4.11
CA TYR D 236 24.12 3.67 4.71
C TYR D 236 22.92 4.60 4.53
N VAL D 237 22.41 4.65 3.31
CA VAL D 237 21.24 5.45 2.97
C VAL D 237 20.03 5.02 3.79
N ASP D 238 19.77 3.71 3.81
CA ASP D 238 18.69 3.16 4.62
C ASP D 238 18.80 3.66 6.06
N ALA D 239 20.02 3.64 6.59
CA ALA D 239 20.23 4.02 7.98
C ALA D 239 19.97 5.51 8.22
N ILE D 240 20.65 6.38 7.48
CA ILE D 240 20.52 7.82 7.71
C ILE D 240 19.10 8.33 7.40
N CYS D 241 18.48 7.76 6.38
CA CYS D 241 17.15 8.19 5.97
C CYS D 241 16.10 7.69 6.95
N PHE D 242 16.28 6.49 7.48
CA PHE D 242 15.37 6.04 8.54
C PHE D 242 15.53 6.95 9.76
N ASN D 243 16.78 7.26 10.10
CA ASN D 243 17.04 8.12 11.25
C ASN D 243 16.52 9.54 11.03
N GLU D 244 16.29 9.93 9.79
CA GLU D 244 15.62 11.19 9.51
C GLU D 244 14.11 11.07 9.62
N LEU D 245 13.56 9.96 9.13
CA LEU D 245 12.12 9.73 9.18
C LEU D 245 11.57 9.61 10.60
N ILE D 246 12.23 8.80 11.43
CA ILE D 246 11.68 8.49 12.75
C ILE D 246 11.70 9.69 13.72
N MET D 247 12.22 10.83 13.27
CA MET D 247 12.25 12.03 14.10
C MET D 247 11.32 13.12 13.57
N LYS D 248 10.88 12.96 12.32
CA LYS D 248 9.91 13.87 11.72
C LYS D 248 8.55 13.77 12.42
N ARG D 249 8.06 14.88 12.96
CA ARG D 249 6.87 14.84 13.80
C ARG D 249 5.59 15.24 13.06
N ASN D 250 5.61 16.37 12.38
CA ASN D 250 4.45 16.84 11.63
C ASN D 250 4.58 16.51 10.15
N PHE D 251 5.04 15.31 9.88
CA PHE D 251 5.50 14.93 8.56
C PHE D 251 4.96 13.57 8.13
N LEU D 252 4.88 12.65 9.09
CA LEU D 252 4.57 11.26 8.79
C LEU D 252 3.09 11.05 8.50
N SER D 253 2.79 10.69 7.26
CA SER D 253 1.41 10.50 6.84
C SER D 253 1.32 9.40 5.78
N TRP D 254 0.10 9.13 5.34
CA TRP D 254 -0.17 8.10 4.35
C TRP D 254 0.31 8.52 2.96
N LYS D 255 0.07 9.79 2.62
CA LYS D 255 0.52 10.37 1.36
C LYS D 255 2.04 10.36 1.30
N ARG D 256 2.65 10.82 2.40
CA ARG D 256 4.09 10.80 2.56
C ARG D 256 4.64 9.39 2.41
N GLY D 257 3.96 8.43 3.02
CA GLY D 257 4.35 7.03 2.89
C GLY D 257 4.33 6.60 1.43
N LEU D 258 3.33 7.08 0.70
CA LEU D 258 3.18 6.77 -0.72
C LEU D 258 4.38 7.30 -1.52
N GLN D 259 4.72 8.56 -1.30
CA GLN D 259 5.84 9.17 -2.03
C GLN D 259 7.18 8.51 -1.69
N LEU D 260 7.41 8.30 -0.39
CA LEU D 260 8.58 7.57 0.08
C LEU D 260 8.71 6.24 -0.62
N ASN D 261 7.60 5.49 -0.65
CA ASN D 261 7.57 4.22 -1.36
C ASN D 261 7.96 4.39 -2.82
N TYR D 262 7.46 5.43 -3.48
CA TYR D 262 7.84 5.65 -4.88
C TYR D 262 9.35 5.85 -5.04
N ASN D 263 9.92 6.70 -4.19
CA ASN D 263 11.36 6.96 -4.22
C ASN D 263 12.22 5.69 -4.03
N VAL D 264 11.95 5.00 -2.92
CA VAL D 264 12.68 3.79 -2.59
C VAL D 264 12.51 2.78 -3.71
N THR D 265 11.32 2.75 -4.29
CA THR D 265 11.04 1.89 -5.43
C THR D 265 11.95 2.25 -6.58
N ARG D 266 12.20 3.54 -6.80
CA ARG D 266 13.12 3.95 -7.86
C ARG D 266 14.52 3.38 -7.60
N LEU D 267 15.01 3.54 -6.37
CA LEU D 267 16.31 2.91 -6.03
C LEU D 267 16.34 1.41 -6.31
N GLU D 268 15.31 0.71 -5.83
CA GLU D 268 15.17 -0.72 -6.06
C GLU D 268 15.23 -1.08 -7.53
N GLU D 269 14.53 -0.30 -8.34
CA GLU D 269 14.49 -0.55 -9.79
C GLU D 269 15.88 -0.38 -10.38
N TRP D 270 16.59 0.63 -9.90
CA TRP D 270 17.97 0.84 -10.35
C TRP D 270 18.82 -0.39 -10.04
N CYS D 271 18.65 -0.92 -8.83
CA CYS D 271 19.40 -2.12 -8.44
C CYS D 271 19.05 -3.30 -9.35
N LYS D 272 17.75 -3.54 -9.55
CA LYS D 272 17.28 -4.63 -10.39
C LYS D 272 17.84 -4.53 -11.79
N THR D 273 17.98 -3.31 -12.31
CA THR D 273 18.44 -3.15 -13.69
C THR D 273 19.96 -3.07 -13.80
N HIS D 274 20.65 -2.94 -12.67
CA HIS D 274 22.11 -2.91 -12.71
C HIS D 274 22.75 -4.13 -12.06
N GLY D 275 22.07 -5.28 -12.14
CA GLY D 275 22.66 -6.57 -11.80
C GLY D 275 22.74 -6.92 -10.33
N LEU D 276 22.08 -6.14 -9.49
CA LEU D 276 22.11 -6.38 -8.06
C LEU D 276 20.89 -7.18 -7.60
N THR D 277 21.15 -8.39 -7.14
CA THR D 277 20.08 -9.28 -6.68
C THR D 277 19.53 -8.88 -5.33
N ASP D 278 20.39 -8.40 -4.44
CA ASP D 278 20.00 -8.11 -3.06
C ASP D 278 19.82 -6.62 -2.78
N GLY D 279 19.30 -5.88 -3.76
CA GLY D 279 19.03 -4.47 -3.59
C GLY D 279 17.95 -4.16 -2.58
N THR D 280 16.77 -4.74 -2.81
CA THR D 280 15.63 -4.65 -1.89
C THR D 280 16.02 -4.92 -0.42
N GLU D 281 16.87 -5.92 -0.21
CA GLU D 281 17.29 -6.32 1.13
C GLU D 281 18.04 -5.23 1.88
N CYS D 282 18.73 -4.38 1.13
CA CYS D 282 19.51 -3.28 1.72
C CYS D 282 18.65 -2.08 2.15
N LEU D 283 17.42 -1.99 1.64
CA LEU D 283 16.55 -0.85 1.92
C LEU D 283 15.33 -1.22 2.76
N GLN D 284 15.46 -2.30 3.54
CA GLN D 284 14.35 -2.89 4.28
C GLN D 284 13.64 -1.92 5.24
N HIS D 285 14.40 -1.14 5.99
CA HIS D 285 13.82 -0.25 6.98
C HIS D 285 12.98 0.85 6.34
N LEU D 286 13.48 1.41 5.24
CA LEU D 286 12.75 2.44 4.52
C LEU D 286 11.51 1.86 3.84
N ILE D 287 11.67 0.70 3.19
CA ILE D 287 10.55 0.03 2.53
C ILE D 287 9.43 -0.26 3.51
N GLN D 288 9.79 -0.82 4.67
CA GLN D 288 8.83 -1.19 5.69
C GLN D 288 8.23 0.03 6.38
N THR D 289 8.99 1.10 6.51
CA THR D 289 8.45 2.35 7.04
C THR D 289 7.40 2.90 6.07
N ALA D 290 7.67 2.78 4.78
CA ALA D 290 6.70 3.17 3.76
C ALA D 290 5.45 2.29 3.83
N LYS D 291 5.65 1.01 4.11
CA LYS D 291 4.55 0.06 4.21
C LYS D 291 3.67 0.33 5.42
N LEU D 292 4.29 0.72 6.53
CA LEU D 292 3.57 1.04 7.76
C LEU D 292 2.61 2.20 7.55
N LEU D 293 3.12 3.28 6.97
CA LEU D 293 2.36 4.51 6.79
C LEU D 293 1.14 4.34 5.89
N GLN D 294 1.03 3.19 5.23
CA GLN D 294 -0.03 2.96 4.27
C GLN D 294 -1.06 1.93 4.72
N VAL D 295 -0.59 0.80 5.25
CA VAL D 295 -1.49 -0.26 5.73
C VAL D 295 -2.38 0.22 6.86
N ARG D 296 -3.54 -0.43 6.99
CA ARG D 296 -4.50 -0.07 8.03
C ARG D 296 -3.93 -0.26 9.42
N LYS D 297 -4.19 0.71 10.29
CA LYS D 297 -3.72 0.66 11.66
C LYS D 297 -4.89 0.93 12.60
N TYR D 298 -6.04 0.35 12.24
CA TYR D 298 -7.29 0.59 12.96
C TYR D 298 -7.64 -0.58 13.90
N THR D 299 -7.57 -1.80 13.37
CA THR D 299 -7.86 -3.00 14.15
C THR D 299 -6.60 -3.55 14.81
N ILE D 300 -6.75 -4.33 15.88
CA ILE D 300 -5.61 -4.99 16.52
C ILE D 300 -5.03 -6.07 15.60
N GLU D 301 -5.90 -6.70 14.82
CA GLU D 301 -5.46 -7.63 13.78
C GLU D 301 -4.55 -6.91 12.80
N ASP D 302 -4.96 -5.71 12.40
CA ASP D 302 -4.19 -4.87 11.50
C ASP D 302 -2.81 -4.57 12.06
N ILE D 303 -2.73 -4.41 13.39
CA ILE D 303 -1.46 -4.14 14.05
C ILE D 303 -0.59 -5.40 14.12
N ASP D 304 -1.20 -6.57 14.32
CA ASP D 304 -0.44 -7.80 14.28
C ASP D 304 0.15 -8.02 12.89
N ILE D 305 -0.64 -7.68 11.87
CA ILE D 305 -0.20 -7.80 10.49
C ILE D 305 0.91 -6.79 10.23
N LEU D 306 0.77 -5.60 10.80
CA LEU D 306 1.81 -4.59 10.74
C LEU D 306 3.10 -5.11 11.38
N ARG D 307 2.95 -5.90 12.43
CA ARG D 307 4.07 -6.50 13.12
C ARG D 307 4.73 -7.54 12.22
N GLY D 308 3.93 -8.22 11.41
CA GLY D 308 4.47 -9.26 10.55
C GLY D 308 5.11 -8.73 9.28
N ILE D 309 4.61 -7.59 8.80
CA ILE D 309 5.16 -6.92 7.62
C ILE D 309 6.50 -6.26 7.92
N CYS D 310 6.57 -5.51 9.02
CA CYS D 310 7.76 -4.78 9.39
C CYS D 310 8.70 -5.65 10.22
N TYR D 311 9.14 -6.76 9.63
CA TYR D 311 9.96 -7.74 10.33
C TYR D 311 11.40 -7.27 10.57
N SER D 312 11.70 -6.03 10.22
CA SER D 312 13.03 -5.48 10.44
C SER D 312 12.99 -4.27 11.37
N LEU D 313 11.81 -4.02 11.95
CA LEU D 313 11.63 -2.88 12.85
C LEU D 313 11.28 -3.31 14.26
N THR D 314 12.01 -2.80 15.24
CA THR D 314 11.73 -3.08 16.64
C THR D 314 10.42 -2.44 17.07
N PRO D 315 9.70 -3.07 18.02
CA PRO D 315 8.42 -2.54 18.53
C PRO D 315 8.51 -1.08 18.99
N ALA D 316 9.67 -0.68 19.49
CA ALA D 316 9.87 0.71 19.92
C ALA D 316 9.79 1.64 18.71
N GLN D 317 10.38 1.20 17.60
CA GLN D 317 10.35 1.97 16.36
C GLN D 317 8.93 2.03 15.80
N LEU D 318 8.21 0.91 15.90
CA LEU D 318 6.81 0.87 15.52
C LEU D 318 6.00 1.89 16.31
N GLN D 319 6.16 1.86 17.62
CA GLN D 319 5.50 2.81 18.51
C GLN D 319 5.84 4.24 18.14
N LYS D 320 7.12 4.49 17.84
CA LYS D 320 7.58 5.82 17.42
C LYS D 320 6.89 6.30 16.14
N LEU D 321 6.91 5.47 15.12
CA LEU D 321 6.33 5.82 13.82
C LEU D 321 4.82 6.03 13.90
N ILE D 322 4.15 5.14 14.63
CA ILE D 322 2.70 5.23 14.81
C ILE D 322 2.30 6.46 15.63
N SER D 323 3.02 6.72 16.71
CA SER D 323 2.72 7.84 17.61
C SER D 323 2.95 9.20 16.96
N GLN D 324 3.64 9.22 15.82
CA GLN D 324 3.88 10.47 15.11
C GLN D 324 3.19 10.47 13.75
N TYR D 325 2.17 9.62 13.62
CA TYR D 325 1.39 9.53 12.39
C TYR D 325 0.40 10.68 12.30
N GLN D 326 0.50 11.46 11.23
CA GLN D 326 -0.39 12.59 11.03
C GLN D 326 -1.59 12.21 10.16
N VAL D 327 -2.78 12.24 10.76
CA VAL D 327 -3.99 11.88 10.05
C VAL D 327 -4.40 13.00 9.09
N ALA D 328 -5.03 12.62 7.98
CA ALA D 328 -5.44 13.58 6.97
C ALA D 328 -6.91 13.93 7.08
N ASP D 329 -7.39 14.75 6.14
CA ASP D 329 -8.81 15.09 6.07
C ASP D 329 -9.64 13.84 5.82
N TYR D 330 -10.82 13.82 6.43
CA TYR D 330 -11.76 12.70 6.32
C TYR D 330 -11.15 11.34 6.64
N GLU D 331 -10.08 11.34 7.45
CA GLU D 331 -9.45 10.11 7.88
C GLU D 331 -9.71 9.91 9.37
N SER D 332 -10.20 8.73 9.74
CA SER D 332 -10.48 8.43 11.14
C SER D 332 -9.16 8.21 11.89
N PRO D 333 -8.98 8.95 13.00
CA PRO D 333 -7.75 8.91 13.81
C PRO D 333 -7.38 7.51 14.27
N ILE D 334 -6.11 7.31 14.60
CA ILE D 334 -5.65 6.05 15.19
C ILE D 334 -6.30 5.84 16.54
N PRO D 335 -7.09 4.77 16.69
CA PRO D 335 -7.79 4.45 17.93
C PRO D 335 -6.86 4.40 19.13
N GLN D 336 -7.29 4.93 20.27
CA GLN D 336 -6.45 4.94 21.47
C GLN D 336 -6.22 3.52 22.00
N GLU D 337 -7.16 2.62 21.69
CA GLU D 337 -7.04 1.23 22.04
C GLU D 337 -5.84 0.60 21.33
N ILE D 338 -5.55 1.13 20.15
CA ILE D 338 -4.46 0.64 19.31
C ILE D 338 -3.12 1.16 19.81
N LEU D 339 -3.07 2.44 20.15
CA LEU D 339 -1.88 3.02 20.77
C LEU D 339 -1.58 2.27 22.07
N ARG D 340 -2.63 1.95 22.82
CA ARG D 340 -2.51 1.17 24.04
C ARG D 340 -1.94 -0.21 23.74
N TYR D 341 -2.50 -0.90 22.76
CA TYR D 341 -2.02 -2.23 22.37
C TYR D 341 -0.56 -2.22 21.95
N VAL D 342 -0.16 -1.20 21.20
CA VAL D 342 1.21 -1.10 20.71
C VAL D 342 2.18 -0.83 21.85
N ALA D 343 1.81 0.12 22.71
CA ALA D 343 2.59 0.40 23.91
C ALA D 343 2.63 -0.82 24.83
N ASP D 344 1.66 -1.72 24.65
CA ASP D 344 1.59 -2.95 25.43
C ASP D 344 2.47 -4.05 24.84
N ILE D 345 2.70 -3.99 23.53
CA ILE D 345 3.64 -4.93 22.91
C ILE D 345 5.07 -4.48 23.20
N VAL D 346 5.26 -3.16 23.22
CA VAL D 346 6.54 -2.60 23.60
C VAL D 346 6.81 -2.91 25.07
N LYS D 347 5.79 -2.71 25.90
CA LYS D 347 5.85 -3.09 27.31
C LYS D 347 6.20 -4.58 27.48
N LYS D 348 5.50 -5.42 26.72
CA LYS D 348 5.68 -6.86 26.78
C LYS D 348 7.10 -7.29 26.43
N GLU D 349 7.63 -6.75 25.34
CA GLU D 349 8.92 -7.20 24.83
C GLU D 349 10.08 -6.35 25.36
N ALA D 350 9.76 -5.41 26.24
CA ALA D 350 10.80 -4.66 26.95
C ALA D 350 11.41 -5.53 28.04
N ALA D 351 10.55 -6.22 28.80
CA ALA D 351 10.99 -7.13 29.83
C ALA D 351 11.65 -8.37 29.22
N LEU D 352 10.94 -9.00 28.29
CA LEU D 352 11.45 -10.18 27.59
C LEU D 352 12.64 -9.83 26.72
N SER D 367 17.92 0.71 21.43
CA SER D 367 17.71 2.07 20.93
C SER D 367 16.73 2.07 19.77
N ILE D 368 16.22 3.25 19.42
CA ILE D 368 15.27 3.39 18.32
C ILE D 368 15.99 3.73 17.01
N PHE D 369 17.18 4.30 17.13
CA PHE D 369 17.99 4.65 15.98
C PHE D 369 18.76 3.46 15.42
N ILE D 370 18.89 3.42 14.09
CA ILE D 370 19.78 2.46 13.46
C ILE D 370 21.16 3.09 13.29
N THR D 371 22.16 2.51 13.96
CA THR D 371 23.51 3.06 13.90
C THR D 371 24.21 2.64 12.61
N PRO D 372 24.59 3.63 11.78
CA PRO D 372 25.18 3.37 10.47
C PRO D 372 26.59 2.80 10.57
N GLU D 373 26.85 1.76 9.80
CA GLU D 373 28.16 1.12 9.78
C GLU D 373 29.21 2.13 9.31
N THR D 374 30.26 2.31 10.12
CA THR D 374 31.22 3.38 9.88
C THR D 374 32.50 2.94 9.19
N GLY D 375 32.68 1.63 9.04
CA GLY D 375 33.93 1.10 8.52
C GLY D 375 34.98 1.03 9.62
N PRO D 376 36.18 0.54 9.30
CA PRO D 376 36.60 0.09 7.96
C PRO D 376 35.98 -1.25 7.55
N PHE D 377 35.77 -1.42 6.26
CA PHE D 377 35.15 -2.64 5.74
C PHE D 377 36.18 -3.55 5.09
N THR D 378 35.79 -4.81 4.88
CA THR D 378 36.62 -5.77 4.19
C THR D 378 36.82 -5.36 2.74
N ASP D 379 38.06 -5.41 2.28
CA ASP D 379 38.39 -5.13 0.89
C ASP D 379 37.80 -6.21 -0.01
N PRO D 380 36.89 -5.84 -0.91
CA PRO D 380 36.29 -6.79 -1.85
C PRO D 380 37.33 -7.42 -2.78
N PHE D 381 38.36 -6.67 -3.13
CA PHE D 381 39.44 -7.17 -3.97
C PHE D 381 40.15 -8.37 -3.34
N SER D 382 40.12 -8.44 -2.02
CA SER D 382 40.76 -9.54 -1.31
C SER D 382 39.90 -10.79 -1.29
N LEU D 383 38.73 -10.72 -1.94
CA LEU D 383 37.79 -11.84 -1.92
C LEU D 383 37.66 -12.45 -3.31
N ILE D 384 38.60 -12.10 -4.17
CA ILE D 384 38.63 -12.61 -5.54
C ILE D 384 40.07 -12.89 -5.98
N LYS D 385 40.23 -13.62 -7.08
CA LYS D 385 41.54 -13.96 -7.59
C LYS D 385 42.26 -12.73 -8.15
N THR D 386 43.57 -12.68 -7.96
CA THR D 386 44.37 -11.58 -8.49
C THR D 386 44.40 -11.64 -10.02
N ARG D 387 44.73 -10.51 -10.65
CA ARG D 387 44.86 -10.44 -12.10
C ARG D 387 46.11 -11.19 -12.56
N LYS D 388 45.93 -12.09 -13.53
CA LYS D 388 47.06 -12.84 -14.10
C LYS D 388 48.01 -11.91 -14.84
N PHE D 389 49.27 -12.30 -14.94
CA PHE D 389 50.28 -11.46 -15.56
C PHE D 389 51.08 -12.19 -16.62
N ASP D 390 50.43 -12.51 -17.73
CA ASP D 390 51.08 -13.17 -18.85
C ASP D 390 52.07 -12.23 -19.53
N GLN D 391 51.68 -10.98 -19.68
CA GLN D 391 52.50 -10.00 -20.38
C GLN D 391 52.33 -8.59 -19.81
N VAL D 392 53.32 -7.74 -20.03
CA VAL D 392 53.24 -6.34 -19.65
C VAL D 392 53.60 -5.46 -20.84
N GLU D 393 52.72 -4.52 -21.16
CA GLU D 393 52.88 -3.69 -22.35
C GLU D 393 53.64 -2.40 -22.03
N ALA D 394 54.74 -2.18 -22.74
CA ALA D 394 55.53 -0.97 -22.57
C ALA D 394 54.84 0.20 -23.25
N TYR D 395 54.35 1.13 -22.45
CA TYR D 395 53.57 2.25 -22.96
C TYR D 395 53.60 3.44 -22.01
N ILE D 396 54.03 4.57 -22.53
CA ILE D 396 54.14 5.79 -21.74
C ILE D 396 53.47 6.95 -22.50
N PRO D 397 52.21 7.25 -22.14
CA PRO D 397 51.29 8.20 -22.76
C PRO D 397 51.94 9.45 -23.37
N ALA D 398 51.58 9.73 -24.61
CA ALA D 398 52.14 10.84 -25.38
C ALA D 398 52.21 12.16 -24.60
N TRP D 399 51.19 12.42 -23.80
CA TRP D 399 51.07 13.67 -23.07
C TRP D 399 51.94 13.72 -21.80
N LEU D 400 52.61 12.61 -21.49
CA LEU D 400 53.39 12.53 -20.25
C LEU D 400 54.75 13.19 -20.35
N SER D 401 55.18 13.82 -19.26
CA SER D 401 56.48 14.44 -19.18
C SER D 401 57.37 13.73 -18.15
N LEU D 402 57.94 12.61 -18.55
CA LEU D 402 58.85 11.84 -17.70
C LEU D 402 60.06 11.37 -18.50
N PRO D 403 61.14 12.17 -18.53
CA PRO D 403 62.31 11.88 -19.36
C PRO D 403 63.05 10.59 -18.98
N SER D 404 63.47 10.48 -17.73
CA SER D 404 64.28 9.34 -17.28
C SER D 404 63.50 8.03 -17.37
N THR D 405 62.27 8.06 -16.88
CA THR D 405 61.42 6.87 -16.87
C THR D 405 61.14 6.41 -18.31
N LYS D 406 60.86 7.36 -19.18
CA LYS D 406 60.61 7.04 -20.58
C LYS D 406 61.87 6.47 -21.22
N ARG D 407 63.02 6.97 -20.80
CA ARG D 407 64.28 6.46 -21.31
C ARG D 407 64.45 5.00 -20.89
N ILE D 408 64.16 4.72 -19.64
CA ILE D 408 64.26 3.36 -19.11
C ILE D 408 63.32 2.40 -19.86
N VAL D 409 62.05 2.78 -19.95
CA VAL D 409 61.05 1.93 -20.60
C VAL D 409 61.39 1.72 -22.07
N ASP D 410 61.88 2.75 -22.73
CA ASP D 410 62.27 2.65 -24.14
C ASP D 410 63.49 1.74 -24.32
N LEU D 411 64.46 1.85 -23.42
CA LEU D 411 65.63 0.98 -23.46
C LEU D 411 65.21 -0.48 -23.29
N VAL D 412 64.40 -0.74 -22.27
CA VAL D 412 63.88 -2.08 -22.02
C VAL D 412 63.16 -2.60 -23.26
N ALA D 413 62.34 -1.76 -23.86
CA ALA D 413 61.60 -2.11 -25.06
C ALA D 413 62.54 -2.49 -26.21
N GLN D 414 63.61 -1.71 -26.38
CA GLN D 414 64.64 -2.01 -27.36
C GLN D 414 65.26 -3.38 -27.12
N GLN D 415 65.63 -3.64 -25.87
CA GLN D 415 66.25 -4.90 -25.49
C GLN D 415 65.33 -6.08 -25.79
N VAL D 416 64.03 -5.91 -25.53
CA VAL D 416 63.07 -6.96 -25.85
C VAL D 416 62.88 -7.13 -27.36
N VAL D 417 62.91 -6.03 -28.10
CA VAL D 417 62.80 -6.08 -29.55
C VAL D 417 63.96 -6.85 -30.17
N GLN D 418 65.17 -6.62 -29.66
CA GLN D 418 66.34 -7.33 -30.16
C GLN D 418 66.24 -8.84 -29.92
N ASP D 419 66.01 -9.23 -28.68
CA ASP D 419 65.84 -10.63 -28.32
C ASP D 419 64.54 -11.20 -28.91
N ILE E 12 79.35 -2.70 -13.95
CA ILE E 12 77.94 -3.06 -13.83
C ILE E 12 77.78 -4.57 -13.69
N PRO E 13 76.91 -5.00 -12.75
CA PRO E 13 76.65 -6.42 -12.48
C PRO E 13 76.01 -7.15 -13.66
N CYS E 14 76.14 -8.48 -13.67
CA CYS E 14 75.47 -9.30 -14.68
C CYS E 14 73.96 -9.27 -14.47
N PRO E 15 73.20 -9.21 -15.57
CA PRO E 15 71.74 -9.08 -15.49
C PRO E 15 71.01 -10.40 -15.27
N LYS E 16 70.15 -10.44 -14.26
CA LYS E 16 69.33 -11.63 -14.00
C LYS E 16 68.15 -11.69 -14.97
N THR E 17 67.39 -12.77 -14.89
CA THR E 17 66.19 -12.94 -15.72
C THR E 17 65.12 -11.89 -15.39
N ARG E 18 64.62 -11.23 -16.42
CA ARG E 18 63.62 -10.18 -16.25
C ARG E 18 62.25 -10.74 -15.88
N LEU E 19 61.75 -10.33 -14.72
CA LEU E 19 60.48 -10.82 -14.19
C LEU E 19 59.30 -10.46 -15.09
N ALA E 20 59.14 -9.17 -15.37
CA ALA E 20 58.07 -8.69 -16.24
C ALA E 20 58.31 -9.12 -17.69
N ARG E 21 57.34 -9.84 -18.26
CA ARG E 21 57.46 -10.27 -19.64
C ARG E 21 56.97 -9.18 -20.57
N VAL E 22 57.86 -8.22 -20.84
CA VAL E 22 57.53 -7.02 -21.58
C VAL E 22 57.17 -7.30 -23.04
N SER E 23 56.00 -6.80 -23.46
CA SER E 23 55.51 -6.99 -24.82
C SER E 23 55.70 -5.72 -25.65
N VAL E 24 56.01 -5.91 -26.92
CA VAL E 24 56.26 -4.79 -27.83
C VAL E 24 54.97 -4.08 -28.21
N LEU E 25 55.11 -2.85 -28.71
CA LEU E 25 53.97 -2.05 -29.15
C LEU E 25 54.39 -0.98 -30.16
N ASP E 26 53.54 -0.73 -31.14
CA ASP E 26 53.84 0.25 -32.19
C ASP E 26 52.56 1.00 -32.60
N LEU E 27 52.73 2.20 -33.13
CA LEU E 27 51.59 3.02 -33.53
C LEU E 27 51.75 3.54 -34.95
N THR F 17 58.74 0.66 4.46
CA THR F 17 57.32 0.59 4.15
C THR F 17 56.53 0.09 5.36
N ARG F 18 56.14 -1.19 5.32
CA ARG F 18 55.39 -1.83 6.40
C ARG F 18 54.13 -1.04 6.75
N LEU F 19 53.31 -0.77 5.73
CA LEU F 19 52.14 0.10 5.84
C LEU F 19 51.08 -0.40 6.81
N ALA F 20 50.51 0.52 7.58
CA ALA F 20 49.49 0.21 8.56
C ALA F 20 48.08 0.42 8.01
N ARG F 21 47.21 -0.55 8.22
CA ARG F 21 45.83 -0.44 7.77
C ARG F 21 45.08 0.64 8.55
N VAL F 22 44.08 1.23 7.90
CA VAL F 22 43.31 2.32 8.50
C VAL F 22 42.36 1.78 9.57
N SER F 23 42.18 2.58 10.62
CA SER F 23 41.31 2.21 11.73
C SER F 23 40.00 3.00 11.71
N VAL F 24 39.19 2.81 12.73
CA VAL F 24 37.94 3.57 12.84
C VAL F 24 38.24 5.05 13.06
N LEU F 25 39.22 5.33 13.91
CA LEU F 25 39.60 6.70 14.22
C LEU F 25 40.13 7.44 13.00
N ASP F 26 40.89 6.73 12.17
CA ASP F 26 41.42 7.31 10.94
C ASP F 26 40.30 7.70 10.00
N LEU F 27 39.34 6.80 9.82
CA LEU F 27 38.17 7.07 8.99
C LEU F 27 37.36 8.24 9.53
N LYS F 28 37.26 8.34 10.86
CA LYS F 28 36.57 9.47 11.47
C LYS F 28 37.32 10.78 11.21
N LYS F 29 38.64 10.71 11.16
CA LYS F 29 39.46 11.86 10.81
C LYS F 29 39.21 12.27 9.35
N ILE F 30 39.06 11.28 8.48
CA ILE F 30 38.80 11.54 7.06
C ILE F 30 37.39 12.12 6.87
N GLU F 31 36.45 11.70 7.71
CA GLU F 31 35.06 12.12 7.61
C GLU F 31 34.89 13.64 7.67
N GLU F 32 35.59 14.26 8.61
CA GLU F 32 35.41 15.69 8.88
C GLU F 32 36.35 16.55 8.04
N GLN F 33 36.89 15.97 6.98
CA GLN F 33 37.71 16.71 6.02
C GLN F 33 36.93 17.86 5.40
N PRO F 34 37.58 19.04 5.29
CA PRO F 34 36.96 20.23 4.67
C PRO F 34 36.53 19.98 3.22
#